data_5YQ1
#
_entry.id   5YQ1
#
_cell.length_a   120.413
_cell.length_b   120.413
_cell.length_c   169.775
_cell.angle_alpha   90.000
_cell.angle_beta   90.000
_cell.angle_gamma   120.000
#
_symmetry.space_group_name_H-M   'P 31 2 1'
#
loop_
_entity.id
_entity.type
_entity.pdbx_description
1 polymer 'Aminopeptidase N'
2 non-polymer 'ZINC ION'
3 non-polymer O-methyl-L-tyrosine
4 non-polymer 'MALONATE ION'
5 non-polymer GLYCEROL
6 water water
#
_entity_poly.entity_id   1
_entity_poly.type   'polypeptide(L)'
_entity_poly.pdbx_seq_one_letter_code
;MGSSHHHHHHSSGLVPRGSHMMTQQPQAKYRHDYRAPDYQITDIDLTFDLDAQKTVVTAVSQAVRHGASDAPLRLNGEDL
KLVSVHINDEPWTAWKEEEGALVISNLPERFTLKIINEISPAANTALEGLYQSGDALCTQCEAEGFRHITYYLDRPDVLA
RFTTKIIADKIKYPFLLSNGNRVAQGELENGRHWVQWQDPFPKPCYLFALVAGDFDVLRDTFTTRSGREVALELYVDRGN
LDRAPWAMTSLKNSMKWDEERFGLEYDLDIYMIVAVDFFNMGAMENKGLNIFNSKYVLARTDTATDKDYLDIERVIGHEY
FHNWTGNRVTCRDWFQLSLKEGLTVFRDQEFSSDLGSRAVNRINNVRTMRGLQFAEDASPMAHPIRPDMVIEMNNFYTLT
VYEKGAEVIRMIHTLLGEENFQKGMQLYFERHDGSAATCDDFVQAMEDASNVDLSHFRRWYSQSGTPIVTVKDDYNPETE
QYTLTISQRTPATPDQAEKQPLHIPFAIELYDNEGKVIPLQKGGHPVNSVLNVTQAEQTFVFDNVYFQPVPALLCEFSAP
VKLEYKWSDQQLTFLMRHARNDFSRWDAAQSLLATYIKLNVARHQQGQPLSLPVHVADAFRAVLLDEKIDPALAAEILTL
PSVNEMAELFDIIDPIAIAEVREALTRTLATELADELLAIYNANYQSEYRVEHEDIAKRTLRNACLRFLAFGETHLADVL
VSKQFHEANNMTDALAALSAAVAAQLPCRDALMQEYDDKWHQNGLVMDKWFILQATSPAANVLETVRGLLQHRSFTMSNP
NRIRSLIGAFAGSNPAAFHAEDGSGYLFLVEMLTDLNSRNPQVASRLIEPLIRLKRYDAKRQEKMRAALEQLKGLENLSG
DLYEKITKALA
;
_entity_poly.pdbx_strand_id   A
#
# COMPACT_ATOMS: atom_id res chain seq x y z
N PRO A 26 -6.63 23.78 -12.77
CA PRO A 26 -5.41 22.96 -12.98
C PRO A 26 -5.58 22.07 -14.25
N GLN A 27 -4.54 21.99 -15.08
CA GLN A 27 -4.60 21.33 -16.35
C GLN A 27 -3.97 19.89 -16.22
N ALA A 28 -4.66 18.97 -16.82
CA ALA A 28 -4.16 17.61 -16.88
C ALA A 28 -2.93 17.48 -17.77
N LYS A 29 -2.12 16.45 -17.52
CA LYS A 29 -1.01 16.05 -18.27
C LYS A 29 -1.29 14.66 -18.77
N TYR A 30 -0.87 14.38 -19.97
CA TYR A 30 -1.13 13.12 -20.70
C TYR A 30 0.05 12.36 -21.07
N ARG A 31 -0.04 11.04 -20.86
CA ARG A 31 1.02 10.15 -21.11
C ARG A 31 1.52 10.26 -22.58
N HIS A 32 0.55 10.35 -23.48
CA HIS A 32 0.87 10.39 -24.90
C HIS A 32 1.64 11.66 -25.29
N ASP A 33 1.61 12.67 -24.47
CA ASP A 33 2.38 13.91 -24.66
C ASP A 33 3.83 13.84 -24.28
N TYR A 34 4.32 12.72 -23.73
CA TYR A 34 5.71 12.64 -23.34
C TYR A 34 6.63 12.99 -24.50
N ARG A 35 7.60 13.83 -24.21
CA ARG A 35 8.68 14.08 -25.14
C ARG A 35 10.01 14.23 -24.39
N ALA A 36 11.10 13.76 -25.00
CA ALA A 36 12.38 13.91 -24.36
C ALA A 36 12.67 15.39 -24.04
N PRO A 37 13.44 15.64 -22.99
CA PRO A 37 13.64 17.03 -22.51
C PRO A 37 14.56 17.78 -23.52
N ASP A 38 14.26 19.07 -23.64
CA ASP A 38 15.14 19.96 -24.44
C ASP A 38 16.50 20.13 -23.84
N TYR A 39 16.60 20.05 -22.52
CA TYR A 39 17.88 20.17 -21.86
C TYR A 39 18.05 19.03 -20.86
N GLN A 40 19.27 18.62 -20.68
CA GLN A 40 19.64 17.70 -19.59
C GLN A 40 20.47 18.42 -18.59
N ILE A 41 20.49 17.91 -17.35
CA ILE A 41 21.47 18.29 -16.34
C ILE A 41 22.27 17.07 -16.03
N THR A 42 23.58 17.18 -15.93
CA THR A 42 24.45 16.04 -15.70
C THR A 42 24.95 15.98 -14.32
N ASP A 43 25.13 17.08 -13.63
CA ASP A 43 25.79 17.21 -12.33
C ASP A 43 25.12 18.38 -11.66
N ILE A 44 24.84 18.26 -10.38
CA ILE A 44 24.33 19.34 -9.56
C ILE A 44 25.05 19.37 -8.22
N ASP A 45 25.52 20.59 -7.86
CA ASP A 45 26.15 20.81 -6.57
CA ASP A 45 26.18 20.85 -6.58
C ASP A 45 25.27 21.75 -5.78
N LEU A 46 24.75 21.28 -4.68
CA LEU A 46 23.88 22.02 -3.83
C LEU A 46 24.54 22.48 -2.57
N THR A 47 24.20 23.66 -2.11
CA THR A 47 24.59 24.09 -0.77
C THR A 47 23.38 24.57 -0.05
N PHE A 48 23.14 24.11 1.17
CA PHE A 48 22.05 24.55 1.99
C PHE A 48 22.53 25.31 3.18
N ASP A 49 22.15 26.57 3.36
CA ASP A 49 22.37 27.32 4.58
C ASP A 49 21.09 27.16 5.36
N LEU A 50 21.06 26.14 6.22
CA LEU A 50 19.83 25.62 6.80
C LEU A 50 19.41 26.39 8.00
N ASP A 51 18.14 26.73 8.04
CA ASP A 51 17.50 27.34 9.17
C ASP A 51 15.98 27.13 8.98
N ALA A 52 15.27 26.85 10.06
CA ALA A 52 13.89 26.47 9.91
C ALA A 52 13.05 27.64 9.41
N GLN A 53 13.37 28.88 9.77
CA GLN A 53 12.58 30.01 9.21
C GLN A 53 12.96 30.42 7.83
N LYS A 54 14.26 30.37 7.51
CA LYS A 54 14.73 30.76 6.19
C LYS A 54 15.96 30.01 5.80
N THR A 55 15.85 29.14 4.79
CA THR A 55 16.98 28.34 4.32
C THR A 55 17.34 28.94 2.99
N VAL A 56 18.61 29.12 2.73
CA VAL A 56 19.14 29.59 1.46
C VAL A 56 19.77 28.41 0.74
N VAL A 57 19.31 28.21 -0.48
CA VAL A 57 19.76 27.13 -1.35
C VAL A 57 20.57 27.70 -2.48
N THR A 58 21.77 27.22 -2.67
CA THR A 58 22.57 27.55 -3.86
C THR A 58 22.69 26.29 -4.70
N ALA A 59 22.30 26.33 -5.93
CA ALA A 59 22.31 25.14 -6.81
C ALA A 59 23.14 25.45 -8.05
N VAL A 60 24.21 24.70 -8.24
CA VAL A 60 25.06 24.84 -9.39
C VAL A 60 24.96 23.65 -10.28
N SER A 61 24.32 23.78 -11.41
CA SER A 61 24.01 22.64 -12.30
C SER A 61 24.84 22.73 -13.58
N GLN A 62 25.27 21.58 -14.07
CA GLN A 62 25.93 21.51 -15.38
C GLN A 62 24.95 21.02 -16.41
N ALA A 63 24.60 21.82 -17.41
CA ALA A 63 23.51 21.54 -18.31
C ALA A 63 23.96 21.47 -19.72
N VAL A 64 23.20 20.69 -20.52
CA VAL A 64 23.48 20.43 -21.94
C VAL A 64 22.16 20.58 -22.67
N ARG A 65 22.15 21.35 -23.76
CA ARG A 65 20.96 21.48 -24.57
C ARG A 65 20.96 20.36 -25.65
N HIS A 66 19.84 19.62 -25.73
CA HIS A 66 19.60 18.63 -26.73
C HIS A 66 18.60 19.10 -27.79
N GLY A 67 17.70 20.01 -27.47
CA GLY A 67 16.73 20.48 -28.41
C GLY A 67 17.23 21.62 -29.26
N ALA A 68 16.26 22.35 -29.82
CA ALA A 68 16.63 23.42 -30.77
C ALA A 68 17.26 24.58 -30.08
N SER A 69 18.12 25.33 -30.80
CA SER A 69 18.86 26.40 -30.16
C SER A 69 18.00 27.50 -29.70
N ASP A 70 16.81 27.63 -30.24
CA ASP A 70 15.89 28.61 -29.85
C ASP A 70 14.96 28.22 -28.75
N ALA A 71 15.12 27.01 -28.17
CA ALA A 71 14.18 26.62 -27.15
C ALA A 71 14.75 27.03 -25.71
N PRO A 72 13.89 27.61 -24.87
CA PRO A 72 14.36 28.04 -23.58
C PRO A 72 14.42 26.84 -22.63
N LEU A 73 15.19 27.06 -21.60
CA LEU A 73 15.24 26.12 -20.45
C LEU A 73 14.10 26.44 -19.54
N ARG A 74 13.23 25.45 -19.33
CA ARG A 74 12.06 25.59 -18.51
C ARG A 74 12.20 24.82 -17.18
N LEU A 75 12.42 25.55 -16.09
CA LEU A 75 12.66 24.89 -14.80
C LEU A 75 11.41 24.95 -14.01
N ASN A 76 11.10 23.90 -13.28
CA ASN A 76 10.04 23.93 -12.37
C ASN A 76 10.42 24.53 -11.04
N GLY A 77 9.44 25.20 -10.40
CA GLY A 77 9.63 25.69 -9.03
C GLY A 77 8.38 26.08 -8.38
N GLU A 78 8.25 25.84 -7.09
CA GLU A 78 7.06 26.19 -6.30
C GLU A 78 7.48 26.85 -5.01
N ASP A 79 6.82 28.00 -4.78
CA ASP A 79 7.02 28.78 -3.50
C ASP A 79 8.51 29.01 -3.20
N LEU A 80 9.24 29.45 -4.20
CA LEU A 80 10.67 29.80 -4.05
C LEU A 80 10.85 31.29 -4.11
N LYS A 81 11.69 31.86 -3.30
CA LYS A 81 12.09 33.28 -3.43
C LYS A 81 13.39 33.31 -4.20
N LEU A 82 13.33 33.72 -5.50
CA LEU A 82 14.54 33.81 -6.32
C LEU A 82 15.45 34.94 -5.89
N VAL A 83 16.71 34.66 -5.63
CA VAL A 83 17.74 35.68 -5.29
C VAL A 83 18.55 36.03 -6.53
N SER A 84 19.04 35.03 -7.28
CA SER A 84 19.86 35.31 -8.41
C SER A 84 19.93 34.16 -9.36
N VAL A 85 20.21 34.47 -10.62
CA VAL A 85 20.39 33.54 -11.67
C VAL A 85 21.66 33.88 -12.45
N HIS A 86 22.63 32.96 -12.54
CA HIS A 86 23.87 33.18 -13.30
C HIS A 86 24.06 32.03 -14.27
N ILE A 87 24.58 32.35 -15.41
CA ILE A 87 24.94 31.41 -16.49
C ILE A 87 26.38 31.56 -16.75
N ASN A 88 27.21 30.52 -16.48
CA ASN A 88 28.68 30.65 -16.56
C ASN A 88 29.20 31.86 -15.77
N ASP A 89 28.65 32.05 -14.60
CA ASP A 89 29.03 33.13 -13.67
C ASP A 89 28.67 34.54 -14.16
N GLU A 90 27.87 34.66 -15.17
CA GLU A 90 27.27 35.96 -15.66
C GLU A 90 25.91 36.13 -15.11
N PRO A 91 25.65 37.18 -14.33
CA PRO A 91 24.28 37.42 -13.96
C PRO A 91 23.36 37.56 -15.16
N TRP A 92 22.29 36.76 -15.21
CA TRP A 92 21.57 36.61 -16.45
C TRP A 92 20.37 37.54 -16.52
N THR A 93 20.14 38.11 -17.71
CA THR A 93 18.99 38.98 -17.86
C THR A 93 17.87 38.40 -18.66
N ALA A 94 18.11 37.34 -19.44
CA ALA A 94 17.13 36.75 -20.31
C ALA A 94 16.37 35.62 -19.61
N TRP A 95 15.56 35.97 -18.67
CA TRP A 95 14.74 35.01 -17.95
C TRP A 95 13.45 35.66 -17.50
N LYS A 96 12.48 34.86 -17.22
CA LYS A 96 11.20 35.27 -16.62
C LYS A 96 10.62 34.20 -15.70
N GLU A 97 10.02 34.62 -14.60
CA GLU A 97 9.23 33.73 -13.73
C GLU A 97 7.82 33.73 -14.25
N GLU A 98 7.22 32.53 -14.30
CA GLU A 98 5.80 32.25 -14.70
C GLU A 98 5.24 31.34 -13.62
N GLU A 99 3.96 31.06 -13.67
CA GLU A 99 3.35 30.18 -12.70
C GLU A 99 4.06 28.81 -12.73
N GLY A 100 4.62 28.50 -11.59
CA GLY A 100 5.28 27.21 -11.42
C GLY A 100 6.64 27.08 -12.09
N ALA A 101 7.20 28.17 -12.63
CA ALA A 101 8.37 27.99 -13.53
C ALA A 101 9.32 29.20 -13.59
N LEU A 102 10.56 28.89 -13.92
CA LEU A 102 11.56 29.87 -14.25
C LEU A 102 11.96 29.49 -15.70
N VAL A 103 11.84 30.45 -16.63
CA VAL A 103 12.06 30.18 -18.07
C VAL A 103 13.24 31.03 -18.47
N ILE A 104 14.30 30.35 -18.87
CA ILE A 104 15.59 30.97 -19.13
C ILE A 104 15.90 30.82 -20.62
N SER A 105 16.11 32.00 -21.30
CA SER A 105 16.31 32.01 -22.74
C SER A 105 17.78 32.28 -23.12
N ASN A 106 18.06 32.02 -24.44
CA ASN A 106 19.29 32.49 -25.14
C ASN A 106 20.58 31.87 -24.52
N LEU A 107 20.47 30.56 -24.30
CA LEU A 107 21.55 29.84 -23.72
C LEU A 107 22.50 29.21 -24.67
N PRO A 108 23.76 29.03 -24.21
CA PRO A 108 24.66 28.20 -24.99
C PRO A 108 24.24 26.73 -25.01
N GLU A 109 24.96 25.90 -25.80
CA GLU A 109 24.67 24.48 -25.87
C GLU A 109 25.09 23.81 -24.59
N ARG A 110 26.14 24.27 -23.91
CA ARG A 110 26.64 23.68 -22.67
C ARG A 110 26.97 24.79 -21.71
N PHE A 111 26.52 24.69 -20.47
CA PHE A 111 26.71 25.80 -19.52
C PHE A 111 26.54 25.43 -18.12
N THR A 112 27.02 26.27 -17.20
CA THR A 112 26.81 26.12 -15.77
C THR A 112 25.73 27.09 -15.38
N LEU A 113 24.68 26.55 -14.76
CA LEU A 113 23.57 27.31 -14.19
C LEU A 113 23.76 27.48 -12.73
N LYS A 114 23.69 28.66 -12.17
CA LYS A 114 23.74 28.87 -10.72
C LYS A 114 22.45 29.58 -10.35
N ILE A 115 21.65 28.98 -9.43
CA ILE A 115 20.46 29.60 -8.86
C ILE A 115 20.68 29.71 -7.39
N ILE A 116 20.34 30.86 -6.82
CA ILE A 116 20.18 31.03 -5.41
C ILE A 116 18.76 31.40 -5.08
N ASN A 117 18.15 30.72 -4.10
CA ASN A 117 16.79 30.94 -3.71
C ASN A 117 16.55 30.63 -2.29
N GLU A 118 15.47 31.15 -1.75
CA GLU A 118 15.18 30.99 -0.33
C GLU A 118 13.85 30.24 -0.25
N ILE A 119 13.76 29.44 0.81
CA ILE A 119 12.63 28.64 1.21
C ILE A 119 12.44 28.66 2.71
N SER A 120 11.24 28.33 3.17
CA SER A 120 10.85 28.41 4.61
C SER A 120 10.33 27.09 5.17
N PRO A 121 11.21 26.26 5.74
CA PRO A 121 10.75 24.95 6.18
C PRO A 121 9.65 24.94 7.22
N ALA A 122 9.75 25.91 8.11
CA ALA A 122 8.75 26.07 9.21
C ALA A 122 7.38 26.30 8.71
N ALA A 123 7.21 26.93 7.58
CA ALA A 123 5.92 27.27 6.97
C ALA A 123 5.31 26.09 6.22
N ASN A 124 6.05 24.98 6.09
CA ASN A 124 5.68 23.89 5.16
C ASN A 124 4.82 22.92 5.90
N THR A 125 3.50 23.15 5.93
CA THR A 125 2.59 22.24 6.54
C THR A 125 2.18 21.07 5.63
N ALA A 126 2.41 21.19 4.34
CA ALA A 126 2.05 20.14 3.35
C ALA A 126 3.05 19.00 3.36
N LEU A 127 4.19 19.18 4.02
CA LEU A 127 5.21 18.10 4.16
C LEU A 127 5.73 17.62 2.83
N GLU A 128 5.91 18.59 1.93
CA GLU A 128 6.37 18.37 0.53
C GLU A 128 7.55 19.28 0.25
N GLY A 129 8.73 18.79 -0.08
CA GLY A 129 9.91 19.61 -0.10
C GLY A 129 10.72 19.50 1.18
N LEU A 130 11.28 20.59 1.65
CA LEU A 130 12.04 20.61 2.90
C LEU A 130 11.15 21.12 3.99
N TYR A 131 10.95 20.34 5.04
CA TYR A 131 9.98 20.64 6.05
C TYR A 131 10.49 20.30 7.43
N GLN A 132 9.74 20.60 8.48
CA GLN A 132 10.12 20.27 9.85
C GLN A 132 9.33 19.08 10.34
N SER A 133 10.00 18.16 10.99
CA SER A 133 9.36 17.04 11.71
C SER A 133 9.82 17.09 13.14
N GLY A 134 8.97 17.67 14.02
CA GLY A 134 9.43 17.99 15.38
C GLY A 134 10.54 19.02 15.30
N ASP A 135 11.70 18.67 15.84
CA ASP A 135 12.81 19.61 15.77
C ASP A 135 13.74 19.30 14.59
N ALA A 136 13.51 18.20 13.91
CA ALA A 136 14.36 17.80 12.76
C ALA A 136 13.89 18.50 11.48
N LEU A 137 14.80 18.69 10.55
CA LEU A 137 14.47 19.12 9.21
C LEU A 137 14.70 17.91 8.30
N CYS A 138 13.75 17.70 7.38
CA CYS A 138 13.85 16.54 6.46
C CYS A 138 13.15 16.85 5.15
N THR A 139 13.36 16.03 4.18
CA THR A 139 12.78 16.26 2.86
C THR A 139 11.85 15.15 2.42
N GLN A 140 10.89 15.53 1.57
CA GLN A 140 10.18 14.53 0.76
C GLN A 140 10.11 15.08 -0.62
N CYS A 141 10.69 14.36 -1.56
CA CYS A 141 10.78 14.83 -2.93
C CYS A 141 9.93 14.13 -3.93
N GLU A 142 9.54 12.90 -3.69
CA GLU A 142 8.61 12.19 -4.65
C GLU A 142 7.20 12.65 -4.41
N ALA A 143 6.37 12.91 -5.49
CA ALA A 143 6.80 12.86 -6.90
C ALA A 143 7.54 14.14 -7.37
N GLU A 144 6.99 15.28 -6.94
CA GLU A 144 7.48 16.61 -7.49
C GLU A 144 7.74 17.59 -6.43
N GLY A 145 8.42 17.16 -5.37
CA GLY A 145 8.79 18.02 -4.29
C GLY A 145 10.11 18.70 -4.39
N PHE A 146 11.00 18.22 -5.24
CA PHE A 146 12.31 18.92 -5.33
C PHE A 146 12.13 20.36 -5.86
N ARG A 147 11.14 20.57 -6.70
CA ARG A 147 10.86 21.94 -7.18
C ARG A 147 10.40 22.88 -6.08
N HIS A 148 10.08 22.38 -4.89
CA HIS A 148 9.83 23.18 -3.72
C HIS A 148 11.10 23.60 -2.97
N ILE A 149 12.22 23.06 -3.44
CA ILE A 149 13.54 23.34 -2.89
C ILE A 149 14.37 24.29 -3.77
N THR A 150 14.40 24.02 -5.06
CA THR A 150 15.06 24.92 -5.99
C THR A 150 14.48 24.76 -7.35
N TYR A 151 14.82 25.70 -8.28
CA TYR A 151 14.34 25.62 -9.60
C TYR A 151 15.08 24.48 -10.33
N TYR A 152 14.38 23.53 -10.92
CA TYR A 152 15.08 22.39 -11.50
C TYR A 152 14.26 21.69 -12.58
N LEU A 153 14.91 20.79 -13.31
CA LEU A 153 14.23 19.89 -14.22
C LEU A 153 13.61 18.74 -13.36
N ASP A 154 12.47 19.01 -12.78
CA ASP A 154 11.86 18.07 -11.82
C ASP A 154 10.98 17.04 -12.50
N ARG A 155 11.67 16.17 -13.19
CA ARG A 155 11.12 15.12 -14.05
C ARG A 155 12.12 13.95 -13.99
N PRO A 156 11.62 12.70 -13.90
CA PRO A 156 12.50 11.61 -13.56
C PRO A 156 13.42 11.06 -14.63
N ASP A 157 13.27 11.52 -15.90
CA ASP A 157 14.14 11.16 -16.95
C ASP A 157 15.38 12.12 -16.98
N VAL A 158 15.50 13.07 -16.05
CA VAL A 158 16.70 13.92 -15.92
C VAL A 158 17.45 13.29 -14.73
N LEU A 159 18.54 12.61 -15.02
CA LEU A 159 19.37 12.01 -13.96
C LEU A 159 20.69 12.76 -13.83
N ALA A 160 21.09 13.08 -12.63
CA ALA A 160 22.30 13.87 -12.44
C ALA A 160 23.10 13.36 -11.24
N ARG A 161 24.41 13.65 -11.24
CA ARG A 161 25.24 13.32 -10.07
C ARG A 161 25.20 14.44 -9.11
N PHE A 162 24.86 14.18 -7.86
CA PHE A 162 24.64 15.16 -6.83
C PHE A 162 25.85 15.26 -5.89
N THR A 163 26.17 16.48 -5.44
CA THR A 163 26.98 16.73 -4.33
C THR A 163 26.20 17.70 -3.49
N THR A 164 26.16 17.49 -2.16
CA THR A 164 25.33 18.23 -1.28
C THR A 164 26.09 18.69 -0.05
N LYS A 165 26.22 20.01 0.10
CA LYS A 165 26.82 20.61 1.26
C LYS A 165 25.76 21.22 2.16
N ILE A 166 25.75 20.87 3.45
CA ILE A 166 24.75 21.31 4.41
C ILE A 166 25.42 22.10 5.53
N ILE A 167 24.99 23.34 5.75
CA ILE A 167 25.58 24.22 6.75
C ILE A 167 24.47 24.45 7.78
N ALA A 168 24.75 24.28 9.07
CA ALA A 168 23.73 24.52 10.06
C ALA A 168 24.29 24.71 11.43
N ASP A 169 23.42 25.17 12.34
CA ASP A 169 23.76 25.27 13.78
C ASP A 169 24.12 23.91 14.32
N LYS A 170 25.29 23.81 14.94
CA LYS A 170 25.75 22.51 15.41
C LYS A 170 24.99 21.95 16.61
N ILE A 171 24.52 22.82 17.53
CA ILE A 171 23.75 22.34 18.68
C ILE A 171 22.39 21.83 18.22
N LYS A 172 21.67 22.58 17.39
CA LYS A 172 20.41 22.13 16.99
C LYS A 172 20.48 20.95 16.00
N TYR A 173 21.48 20.96 15.12
CA TYR A 173 21.56 19.95 14.01
C TYR A 173 22.90 19.29 13.98
N PRO A 174 23.20 18.50 14.99
CA PRO A 174 24.50 17.83 14.97
C PRO A 174 24.75 16.79 13.89
N PHE A 175 23.66 16.20 13.38
CA PHE A 175 23.70 15.29 12.28
C PHE A 175 23.14 15.94 11.02
N LEU A 176 23.96 15.99 9.98
CA LEU A 176 23.65 16.59 8.68
C LEU A 176 23.88 15.52 7.66
N LEU A 177 22.79 15.02 7.09
CA LEU A 177 22.76 13.81 6.26
C LEU A 177 22.26 14.12 4.82
N SER A 178 22.90 13.55 3.83
CA SER A 178 22.35 13.49 2.46
C SER A 178 22.73 12.17 1.83
N ASN A 179 22.35 11.94 0.60
CA ASN A 179 22.66 10.68 -0.09
C ASN A 179 24.17 10.48 -0.28
N GLY A 180 24.58 9.23 -0.10
CA GLY A 180 25.95 8.89 -0.44
C GLY A 180 26.92 8.78 0.72
N ASN A 181 28.12 9.36 0.48
CA ASN A 181 29.19 9.30 1.45
C ASN A 181 29.68 10.70 1.74
N ARG A 182 30.20 10.89 2.96
CA ARG A 182 30.87 12.17 3.27
C ARG A 182 32.16 12.37 2.56
N VAL A 183 32.30 13.52 1.93
CA VAL A 183 33.47 13.93 1.18
C VAL A 183 34.23 15.11 1.84
N ALA A 184 33.54 15.88 2.67
CA ALA A 184 34.15 17.10 3.26
C ALA A 184 33.37 17.46 4.51
N GLN A 185 33.99 18.16 5.47
CA GLN A 185 33.38 18.48 6.75
C GLN A 185 34.12 19.75 7.21
N GLY A 186 33.45 20.62 7.88
CA GLY A 186 34.11 21.79 8.47
C GLY A 186 33.30 22.43 9.54
N GLU A 187 33.97 23.33 10.29
CA GLU A 187 33.31 24.11 11.39
C GLU A 187 33.53 25.57 11.02
N LEU A 188 32.56 26.40 11.39
CA LEU A 188 32.56 27.80 11.06
C LEU A 188 32.39 28.53 12.41
N GLU A 189 32.48 29.83 12.29
CA GLU A 189 32.19 30.70 13.44
C GLU A 189 30.65 30.71 13.71
N ASN A 190 30.30 31.28 14.87
CA ASN A 190 28.91 31.40 15.32
C ASN A 190 28.28 30.03 15.59
N GLY A 191 29.06 29.00 15.82
CA GLY A 191 28.47 27.78 16.25
C GLY A 191 27.87 26.99 15.08
N ARG A 192 28.25 27.29 13.86
CA ARG A 192 27.76 26.55 12.65
C ARG A 192 28.77 25.48 12.27
N HIS A 193 28.31 24.39 11.65
CA HIS A 193 29.24 23.44 11.05
C HIS A 193 28.63 22.97 9.72
N TRP A 194 29.38 22.18 8.98
CA TRP A 194 28.91 21.73 7.71
C TRP A 194 29.47 20.36 7.36
N VAL A 195 28.69 19.65 6.54
CA VAL A 195 29.11 18.37 6.00
C VAL A 195 28.74 18.35 4.52
N GLN A 196 29.60 17.84 3.70
CA GLN A 196 29.31 17.63 2.27
C GLN A 196 29.31 16.16 1.86
N TRP A 197 28.30 15.79 1.08
CA TRP A 197 28.02 14.43 0.67
C TRP A 197 28.14 14.37 -0.82
N GLN A 198 28.54 13.18 -1.29
CA GLN A 198 28.51 12.87 -2.72
C GLN A 198 27.99 11.51 -2.95
N ASP A 199 27.12 11.38 -3.95
CA ASP A 199 26.51 10.09 -4.34
C ASP A 199 26.95 9.80 -5.77
N PRO A 200 27.73 8.77 -6.07
CA PRO A 200 28.25 8.54 -7.38
C PRO A 200 27.24 8.20 -8.45
N PHE A 201 26.05 7.72 -8.06
CA PHE A 201 25.08 7.26 -9.05
C PHE A 201 24.15 8.39 -9.47
N PRO A 202 24.10 8.64 -10.78
CA PRO A 202 23.14 9.65 -11.20
C PRO A 202 21.74 9.26 -10.79
N LYS A 203 20.97 10.28 -10.39
CA LYS A 203 19.62 10.06 -9.97
C LYS A 203 18.70 11.14 -10.42
N PRO A 204 17.44 10.80 -10.61
CA PRO A 204 16.43 11.84 -10.71
C PRO A 204 16.25 12.55 -9.39
N CYS A 205 15.80 13.78 -9.38
CA CYS A 205 15.72 14.54 -8.14
C CYS A 205 14.77 14.03 -7.11
N TYR A 206 13.79 13.19 -7.51
CA TYR A 206 12.81 12.67 -6.56
C TYR A 206 13.51 11.76 -5.51
N LEU A 207 14.74 11.36 -5.82
CA LEU A 207 15.51 10.52 -4.90
C LEU A 207 16.50 11.29 -4.09
N PHE A 208 16.49 12.58 -4.18
CA PHE A 208 17.31 13.45 -3.28
C PHE A 208 16.76 13.42 -1.89
N ALA A 209 17.62 13.35 -0.87
CA ALA A 209 17.20 13.58 0.46
C ALA A 209 18.20 14.41 1.27
N LEU A 210 17.65 15.12 2.23
CA LEU A 210 18.42 15.83 3.27
C LEU A 210 17.74 15.64 4.60
N VAL A 211 18.51 15.37 5.66
CA VAL A 211 18.04 15.32 7.02
C VAL A 211 19.01 16.09 7.89
N ALA A 212 18.48 16.84 8.84
CA ALA A 212 19.29 17.58 9.80
C ALA A 212 18.63 17.48 11.14
N GLY A 213 19.39 17.09 12.17
CA GLY A 213 18.73 16.99 13.49
C GLY A 213 19.60 16.32 14.53
N ASP A 214 18.99 16.03 15.66
CA ASP A 214 19.70 15.35 16.78
C ASP A 214 18.98 14.00 16.95
N PHE A 215 19.75 12.94 16.91
CA PHE A 215 19.20 11.61 16.89
C PHE A 215 20.05 10.70 17.78
N ASP A 216 19.42 9.61 18.24
CA ASP A 216 20.11 8.41 18.61
C ASP A 216 20.33 7.58 17.34
N VAL A 217 21.41 6.85 17.29
CA VAL A 217 21.80 6.16 16.16
C VAL A 217 22.11 4.71 16.42
N LEU A 218 21.40 3.77 15.81
CA LEU A 218 21.69 2.36 15.91
C LEU A 218 22.60 1.99 14.76
N ARG A 219 23.77 1.40 15.04
CA ARG A 219 24.76 1.15 14.05
C ARG A 219 25.02 -0.25 13.92
N ASP A 220 25.11 -0.79 12.72
CA ASP A 220 25.37 -2.23 12.50
C ASP A 220 26.09 -2.36 11.16
N THR A 221 26.37 -3.57 10.70
CA THR A 221 27.03 -3.80 9.42
C THR A 221 26.42 -4.98 8.76
N PHE A 222 26.42 -4.99 7.44
CA PHE A 222 26.10 -6.12 6.64
C PHE A 222 27.19 -6.35 5.65
N THR A 223 27.66 -7.58 5.48
CA THR A 223 28.63 -7.85 4.43
C THR A 223 27.97 -8.58 3.28
N THR A 224 28.07 -8.00 2.09
CA THR A 224 27.41 -8.61 0.92
C THR A 224 28.05 -9.94 0.58
N ARG A 225 27.40 -10.71 -0.30
CA ARG A 225 27.84 -11.97 -0.68
C ARG A 225 29.28 -11.91 -1.22
N SER A 226 29.56 -10.89 -1.99
CA SER A 226 30.86 -10.71 -2.68
C SER A 226 31.89 -10.05 -1.78
N GLY A 227 31.54 -9.68 -0.58
CA GLY A 227 32.42 -9.07 0.44
C GLY A 227 32.42 -7.62 0.60
N ARG A 228 31.42 -6.87 0.07
CA ARG A 228 31.33 -5.41 0.31
C ARG A 228 30.79 -5.21 1.73
N GLU A 229 31.46 -4.43 2.57
CA GLU A 229 30.99 -4.19 3.91
C GLU A 229 30.19 -2.91 3.84
N VAL A 230 28.93 -3.01 4.32
CA VAL A 230 28.07 -1.88 4.32
C VAL A 230 27.77 -1.43 5.74
N ALA A 231 27.97 -0.17 6.08
CA ALA A 231 27.62 0.41 7.36
C ALA A 231 26.09 0.66 7.38
N LEU A 232 25.40 0.12 8.31
CA LEU A 232 23.95 0.33 8.47
C LEU A 232 23.70 1.27 9.60
N GLU A 233 22.95 2.31 9.40
CA GLU A 233 22.76 3.37 10.42
C GLU A 233 21.28 3.74 10.46
N LEU A 234 20.64 3.50 11.59
CA LEU A 234 19.23 3.84 11.82
C LEU A 234 19.13 4.99 12.80
N TYR A 235 18.64 6.13 12.33
CA TYR A 235 18.52 7.37 13.05
C TYR A 235 17.12 7.47 13.58
N VAL A 236 17.02 7.61 14.89
CA VAL A 236 15.74 7.69 15.61
C VAL A 236 15.77 8.83 16.60
N ASP A 237 14.61 9.37 16.98
CA ASP A 237 14.59 10.39 18.00
C ASP A 237 15.21 9.90 19.27
N ARG A 238 15.84 10.85 19.98
CA ARG A 238 16.45 10.46 21.26
C ARG A 238 15.49 9.72 22.19
N GLY A 239 15.99 8.64 22.70
CA GLY A 239 15.26 7.82 23.60
C GLY A 239 14.50 6.69 22.96
N ASN A 240 14.63 6.52 21.65
CA ASN A 240 13.95 5.43 20.93
C ASN A 240 14.85 4.28 20.49
N LEU A 241 16.09 4.09 20.93
CA LEU A 241 16.84 2.95 20.54
C LEU A 241 16.33 1.57 20.93
N ASP A 242 15.57 1.56 22.02
CA ASP A 242 14.91 0.35 22.52
C ASP A 242 13.88 -0.18 21.51
N ARG A 243 13.54 0.69 20.56
CA ARG A 243 12.46 0.36 19.57
C ARG A 243 13.09 0.15 18.19
N ALA A 244 14.39 0.18 18.03
CA ALA A 244 15.04 0.09 16.72
C ALA A 244 15.59 -1.22 16.25
N PRO A 245 15.90 -2.21 17.14
CA PRO A 245 16.50 -3.43 16.63
C PRO A 245 15.72 -4.28 15.63
N TRP A 246 14.37 -4.35 15.72
CA TRP A 246 13.65 -5.13 14.70
C TRP A 246 13.80 -4.58 13.26
N ALA A 247 13.69 -3.26 13.20
CA ALA A 247 13.89 -2.62 11.87
C ALA A 247 15.27 -2.90 11.32
N MET A 248 16.31 -2.82 12.17
CA MET A 248 17.65 -3.18 11.71
C MET A 248 17.76 -4.62 11.27
N THR A 249 17.18 -5.54 12.10
CA THR A 249 17.12 -6.97 11.75
C THR A 249 16.47 -7.23 10.34
N SER A 250 15.36 -6.50 10.20
CA SER A 250 14.60 -6.59 8.94
C SER A 250 15.35 -6.04 7.75
N LEU A 251 16.16 -5.02 7.96
CA LEU A 251 17.02 -4.48 6.90
C LEU A 251 18.03 -5.54 6.47
N LYS A 252 18.68 -6.14 7.46
CA LYS A 252 19.61 -7.17 7.14
C LYS A 252 18.94 -8.39 6.45
N ASN A 253 17.77 -8.80 6.92
CA ASN A 253 17.03 -9.88 6.28
C ASN A 253 16.71 -9.50 4.82
N SER A 254 16.31 -8.25 4.56
CA SER A 254 15.97 -7.75 3.18
C SER A 254 17.22 -7.88 2.31
N MET A 255 18.36 -7.44 2.85
CA MET A 255 19.56 -7.46 2.07
C MET A 255 19.95 -8.89 1.69
N LYS A 256 19.92 -9.80 2.67
CA LYS A 256 20.16 -11.18 2.40
C LYS A 256 19.22 -11.87 1.40
N TRP A 257 17.93 -11.57 1.57
CA TRP A 257 16.96 -12.11 0.68
C TRP A 257 17.12 -11.63 -0.74
N ASP A 258 17.38 -10.35 -0.96
CA ASP A 258 17.52 -9.90 -2.30
C ASP A 258 18.70 -10.57 -2.96
N GLU A 259 19.76 -10.88 -2.19
CA GLU A 259 20.89 -11.66 -2.73
C GLU A 259 20.45 -13.08 -3.08
N GLU A 260 19.78 -13.73 -2.18
CA GLU A 260 19.40 -15.13 -2.37
C GLU A 260 18.42 -15.34 -3.53
N ARG A 261 17.36 -14.53 -3.54
CA ARG A 261 16.26 -14.70 -4.46
C ARG A 261 16.47 -14.04 -5.81
N PHE A 262 17.00 -12.80 -5.82
CA PHE A 262 17.15 -12.01 -7.02
C PHE A 262 18.62 -11.81 -7.48
N GLY A 263 19.56 -12.25 -6.67
CA GLY A 263 20.91 -12.04 -6.98
C GLY A 263 21.45 -10.62 -6.91
N LEU A 264 20.80 -9.78 -6.13
CA LEU A 264 21.10 -8.35 -6.11
C LEU A 264 21.73 -7.98 -4.79
N GLU A 265 22.86 -7.26 -4.89
CA GLU A 265 23.57 -6.74 -3.77
C GLU A 265 23.48 -5.18 -3.68
N TYR A 266 23.54 -4.72 -2.43
CA TYR A 266 23.66 -3.29 -2.18
C TYR A 266 24.94 -2.76 -2.87
N ASP A 267 24.88 -1.51 -3.29
CA ASP A 267 25.87 -0.87 -4.19
C ASP A 267 26.65 0.31 -3.64
N LEU A 268 26.38 0.66 -2.42
CA LEU A 268 27.02 1.74 -1.70
C LEU A 268 27.59 1.29 -0.44
N ASP A 269 28.22 2.24 0.26
CA ASP A 269 29.01 1.94 1.47
C ASP A 269 28.29 2.11 2.77
N ILE A 270 27.23 2.93 2.76
CA ILE A 270 26.42 3.23 3.90
C ILE A 270 24.95 3.06 3.47
N TYR A 271 24.19 2.54 4.38
CA TYR A 271 22.71 2.48 4.24
C TYR A 271 22.13 3.20 5.42
N MET A 272 21.56 4.41 5.22
CA MET A 272 20.95 5.18 6.31
C MET A 272 19.41 5.14 6.20
N ILE A 273 18.77 4.99 7.35
CA ILE A 273 17.32 5.12 7.51
C ILE A 273 17.11 6.15 8.61
N VAL A 274 16.20 7.07 8.41
CA VAL A 274 15.81 8.02 9.39
C VAL A 274 14.32 7.90 9.64
N ALA A 275 13.95 7.70 10.90
CA ALA A 275 12.54 7.63 11.29
C ALA A 275 12.00 8.93 11.73
N VAL A 276 11.00 9.46 11.02
CA VAL A 276 10.41 10.74 11.33
C VAL A 276 8.96 10.61 11.68
N ASP A 277 8.50 11.41 12.66
CA ASP A 277 7.09 11.30 13.10
C ASP A 277 6.08 11.96 12.14
N PHE A 278 6.51 12.94 11.35
CA PHE A 278 5.66 13.71 10.48
C PHE A 278 5.98 13.31 9.06
N PHE A 279 5.06 12.55 8.44
CA PHE A 279 5.33 11.96 7.05
C PHE A 279 4.01 11.53 6.47
N ASN A 280 3.73 11.95 5.24
CA ASN A 280 2.41 11.73 4.69
C ASN A 280 2.19 10.30 4.28
N MET A 281 3.23 9.58 3.89
CA MET A 281 3.12 8.19 3.40
C MET A 281 3.80 7.24 4.31
N GLY A 282 4.25 6.11 3.84
CA GLY A 282 4.86 5.10 4.65
C GLY A 282 6.33 5.26 4.82
N ALA A 283 7.01 5.28 3.68
CA ALA A 283 8.48 5.42 3.70
C ALA A 283 8.92 5.75 2.28
N MET A 284 10.19 6.16 2.09
CA MET A 284 10.69 6.67 0.83
C MET A 284 12.09 6.14 0.58
N GLU A 285 12.33 5.68 -0.61
CA GLU A 285 13.51 4.91 -1.05
C GLU A 285 14.74 5.85 -1.47
N ASN A 286 14.85 7.03 -0.88
CA ASN A 286 15.92 7.94 -1.34
C ASN A 286 17.26 7.20 -1.26
N LYS A 287 18.08 7.31 -2.29
CA LYS A 287 19.25 6.45 -2.44
C LYS A 287 20.19 6.60 -1.25
N GLY A 288 20.43 5.46 -0.61
CA GLY A 288 21.29 5.47 0.54
C GLY A 288 20.85 6.17 1.79
N LEU A 289 19.70 6.83 1.80
CA LEU A 289 19.17 7.68 2.88
C LEU A 289 17.67 7.62 2.82
N ASN A 290 17.15 6.48 3.22
CA ASN A 290 15.70 6.32 3.24
C ASN A 290 15.13 7.12 4.37
N ILE A 291 13.94 7.72 4.15
CA ILE A 291 13.25 8.47 5.16
C ILE A 291 11.92 7.71 5.39
N PHE A 292 11.69 7.27 6.64
CA PHE A 292 10.56 6.44 7.01
C PHE A 292 9.63 7.14 7.97
N ASN A 293 8.31 6.97 7.80
CA ASN A 293 7.38 7.26 8.84
C ASN A 293 7.80 6.36 10.03
N SER A 294 7.87 6.93 11.25
CA SER A 294 8.25 6.15 12.41
CA SER A 294 8.21 6.18 12.46
C SER A 294 7.31 4.98 12.66
N LYS A 295 6.08 5.02 12.17
CA LYS A 295 5.19 3.84 12.26
C LYS A 295 5.76 2.59 11.63
N TYR A 296 6.62 2.70 10.63
CA TYR A 296 7.14 1.62 9.92
C TYR A 296 8.60 1.38 10.34
N VAL A 297 9.01 1.87 11.51
CA VAL A 297 10.32 1.60 12.10
C VAL A 297 10.18 1.10 13.56
N LEU A 298 9.46 1.84 14.42
CA LEU A 298 9.63 1.65 15.86
C LEU A 298 8.71 0.55 16.38
N ALA A 299 9.33 -0.44 17.04
CA ALA A 299 8.56 -1.56 17.64
C ALA A 299 9.29 -2.10 18.83
N ARG A 300 8.49 -2.40 19.84
CA ARG A 300 9.00 -3.17 21.00
C ARG A 300 7.76 -3.99 21.39
N THR A 301 7.93 -5.07 22.20
CA THR A 301 6.82 -6.05 22.40
C THR A 301 5.65 -5.44 23.15
N ASP A 302 5.85 -4.43 23.95
CA ASP A 302 4.77 -3.76 24.67
C ASP A 302 4.07 -2.67 23.89
N THR A 303 4.63 -2.29 22.72
CA THR A 303 4.07 -1.12 21.95
C THR A 303 3.54 -1.53 20.60
N ALA A 304 3.96 -2.64 20.10
CA ALA A 304 3.69 -3.02 18.70
C ALA A 304 3.10 -4.38 18.62
N THR A 305 2.14 -4.61 17.69
CA THR A 305 1.54 -5.93 17.52
C THR A 305 2.30 -6.77 16.54
N ASP A 306 1.97 -8.06 16.42
CA ASP A 306 2.50 -8.95 15.42
C ASP A 306 2.38 -8.33 14.02
N LYS A 307 1.19 -7.80 13.74
CA LYS A 307 0.97 -7.10 12.41
C LYS A 307 1.93 -5.89 12.22
N ASP A 308 2.16 -5.09 13.25
CA ASP A 308 3.10 -3.99 13.20
C ASP A 308 4.53 -4.54 12.81
N TYR A 309 4.91 -5.59 13.52
CA TYR A 309 6.24 -6.21 13.22
C TYR A 309 6.32 -6.64 11.78
N LEU A 310 5.29 -7.33 11.28
CA LEU A 310 5.33 -7.81 9.89
C LEU A 310 5.20 -6.64 8.90
N ASP A 311 4.53 -5.57 9.26
CA ASP A 311 4.47 -4.39 8.38
C ASP A 311 5.81 -3.69 8.33
N ILE A 312 6.47 -3.56 9.50
CA ILE A 312 7.83 -2.98 9.49
C ILE A 312 8.70 -3.81 8.57
N GLU A 313 8.70 -5.12 8.69
CA GLU A 313 9.41 -6.00 7.85
C GLU A 313 9.15 -5.74 6.36
N ARG A 314 7.87 -5.65 6.05
CA ARG A 314 7.52 -5.44 4.64
C ARG A 314 7.93 -4.08 4.09
N VAL A 315 7.80 -3.04 4.88
CA VAL A 315 8.08 -1.68 4.40
C VAL A 315 9.62 -1.49 4.33
N ILE A 316 10.37 -1.94 5.36
CA ILE A 316 11.83 -1.94 5.28
C ILE A 316 12.22 -2.68 4.04
N GLY A 317 11.72 -3.89 3.79
CA GLY A 317 12.00 -4.65 2.58
C GLY A 317 11.72 -3.81 1.34
N HIS A 318 10.51 -3.32 1.23
CA HIS A 318 10.04 -2.55 0.04
C HIS A 318 11.04 -1.45 -0.30
N GLU A 319 11.42 -0.63 0.68
CA GLU A 319 12.26 0.52 0.36
C GLU A 319 13.63 0.00 -0.08
N TYR A 320 14.16 -1.03 0.60
CA TYR A 320 15.39 -1.66 0.20
C TYR A 320 15.36 -2.17 -1.20
N PHE A 321 14.31 -2.89 -1.57
CA PHE A 321 14.13 -3.46 -2.90
C PHE A 321 14.06 -2.40 -4.00
N HIS A 322 13.58 -1.21 -3.66
CA HIS A 322 13.65 -0.12 -4.60
C HIS A 322 15.08 0.28 -5.04
N ASN A 323 16.07 -0.13 -4.27
CA ASN A 323 17.44 0.27 -4.65
C ASN A 323 17.73 -0.19 -6.06
N TRP A 324 17.23 -1.37 -6.48
CA TRP A 324 17.37 -1.80 -7.85
C TRP A 324 16.12 -1.43 -8.63
N THR A 325 14.91 -1.80 -8.16
CA THR A 325 13.67 -1.57 -8.92
C THR A 325 13.10 -0.22 -8.59
N GLY A 326 13.74 0.84 -9.14
CA GLY A 326 13.33 2.22 -8.90
C GLY A 326 14.51 3.17 -8.93
N ASN A 327 15.63 2.73 -8.33
CA ASN A 327 16.81 3.65 -8.23
C ASN A 327 17.82 3.32 -9.33
N ARG A 328 18.36 2.10 -9.36
CA ARG A 328 19.31 1.77 -10.37
C ARG A 328 18.66 1.79 -11.74
N VAL A 329 17.38 1.34 -11.82
CA VAL A 329 16.55 1.58 -13.00
C VAL A 329 15.37 2.40 -12.51
N THR A 330 15.18 3.63 -13.04
CA THR A 330 14.15 4.54 -12.61
C THR A 330 13.04 4.65 -13.67
N CYS A 331 12.15 5.62 -13.47
CA CYS A 331 10.99 5.78 -14.38
C CYS A 331 11.20 6.95 -15.34
N ARG A 332 10.91 6.70 -16.60
CA ARG A 332 11.07 7.77 -17.64
C ARG A 332 10.16 8.91 -17.37
N ASP A 333 8.96 8.66 -16.84
CA ASP A 333 7.95 9.66 -16.60
C ASP A 333 7.04 9.07 -15.53
N TRP A 334 6.18 9.88 -14.95
CA TRP A 334 5.39 9.43 -13.77
C TRP A 334 4.24 8.52 -14.17
N PHE A 335 3.89 8.53 -15.45
CA PHE A 335 2.89 7.57 -15.87
C PHE A 335 3.40 6.18 -15.84
N GLN A 336 4.75 6.01 -15.78
CA GLN A 336 5.39 4.66 -15.61
C GLN A 336 5.59 4.26 -14.13
N LEU A 337 4.89 4.89 -13.21
CA LEU A 337 5.10 4.67 -11.76
C LEU A 337 5.01 3.18 -11.45
N SER A 338 4.09 2.45 -12.03
CA SER A 338 3.98 0.99 -11.69
C SER A 338 5.18 0.18 -12.07
N LEU A 339 6.00 0.65 -13.02
CA LEU A 339 7.28 0.02 -13.38
C LEU A 339 8.08 -0.22 -12.10
N LYS A 340 8.15 0.76 -11.22
CA LYS A 340 8.84 0.57 -9.95
C LYS A 340 7.88 0.05 -8.90
N GLU A 341 6.66 0.56 -8.83
CA GLU A 341 5.82 0.18 -7.70
C GLU A 341 5.16 -1.17 -7.79
N GLY A 342 4.66 -1.63 -8.92
CA GLY A 342 4.11 -3.00 -9.01
C GLY A 342 5.22 -3.97 -8.77
N LEU A 343 6.41 -3.70 -9.35
CA LEU A 343 7.50 -4.64 -9.24
C LEU A 343 8.05 -4.65 -7.84
N THR A 344 8.12 -3.51 -7.15
CA THR A 344 8.69 -3.50 -5.82
C THR A 344 7.65 -4.07 -4.81
N VAL A 345 6.36 -3.82 -5.02
CA VAL A 345 5.40 -4.49 -4.18
C VAL A 345 5.44 -6.01 -4.39
N PHE A 346 5.58 -6.48 -5.62
CA PHE A 346 5.78 -7.91 -5.89
C PHE A 346 6.94 -8.44 -5.08
N ARG A 347 8.03 -7.69 -5.11
CA ARG A 347 9.23 -8.14 -4.37
C ARG A 347 8.99 -8.13 -2.90
N ASP A 348 8.30 -7.13 -2.34
CA ASP A 348 8.02 -7.12 -0.88
C ASP A 348 7.10 -8.28 -0.51
N GLN A 349 6.18 -8.58 -1.39
CA GLN A 349 5.27 -9.72 -1.12
C GLN A 349 6.05 -11.02 -1.14
N GLU A 350 6.90 -11.24 -2.09
CA GLU A 350 7.72 -12.44 -2.20
C GLU A 350 8.66 -12.58 -1.01
N PHE A 351 9.25 -11.50 -0.54
CA PHE A 351 10.09 -11.43 0.65
C PHE A 351 9.26 -11.90 1.83
N SER A 352 8.12 -11.25 2.14
CA SER A 352 7.35 -11.61 3.29
C SER A 352 6.93 -13.04 3.17
N SER A 353 6.51 -13.49 2.01
CA SER A 353 5.99 -14.85 1.75
C SER A 353 7.05 -15.88 1.92
N ASP A 354 8.30 -15.59 1.49
CA ASP A 354 9.38 -16.58 1.70
C ASP A 354 9.72 -16.68 3.16
N LEU A 355 9.84 -15.57 3.87
CA LEU A 355 10.29 -15.59 5.28
C LEU A 355 9.20 -16.06 6.18
N GLY A 356 7.95 -15.78 5.86
CA GLY A 356 6.83 -16.09 6.77
C GLY A 356 5.90 -17.11 6.13
N SER A 357 4.60 -16.90 6.35
CA SER A 357 3.55 -17.79 5.83
C SER A 357 3.23 -17.32 4.44
N ARG A 358 3.51 -18.10 3.41
CA ARG A 358 3.09 -17.67 2.05
C ARG A 358 1.57 -17.62 1.95
N ALA A 359 0.87 -18.60 2.52
CA ALA A 359 -0.60 -18.53 2.36
C ALA A 359 -1.18 -17.40 3.10
N VAL A 360 -0.73 -17.03 4.30
CA VAL A 360 -1.29 -15.92 5.00
C VAL A 360 -1.06 -14.61 4.14
N ASN A 361 0.17 -14.45 3.68
CA ASN A 361 0.45 -13.28 2.80
C ASN A 361 -0.48 -13.26 1.63
N ARG A 362 -0.60 -14.34 0.89
CA ARG A 362 -1.43 -14.37 -0.30
C ARG A 362 -2.83 -14.00 0.08
N ILE A 363 -3.36 -14.66 1.09
CA ILE A 363 -4.75 -14.38 1.53
C ILE A 363 -4.94 -12.88 1.83
N ASN A 364 -4.02 -12.21 2.57
CA ASN A 364 -4.21 -10.86 2.92
C ASN A 364 -4.07 -9.96 1.67
N ASN A 365 -3.17 -10.28 0.79
CA ASN A 365 -3.07 -9.49 -0.44
C ASN A 365 -4.29 -9.60 -1.30
N VAL A 366 -4.94 -10.76 -1.32
CA VAL A 366 -6.16 -10.96 -2.10
C VAL A 366 -7.30 -10.23 -1.39
N ARG A 367 -7.36 -10.27 -0.07
CA ARG A 367 -8.34 -9.43 0.71
CA ARG A 367 -8.36 -9.41 0.60
C ARG A 367 -8.27 -7.95 0.27
N THR A 368 -7.04 -7.44 0.19
CA THR A 368 -6.83 -6.09 -0.25
C THR A 368 -7.29 -5.83 -1.67
N MET A 369 -6.95 -6.72 -2.51
CA MET A 369 -7.42 -6.59 -3.93
C MET A 369 -8.90 -6.60 -4.09
N ARG A 370 -9.52 -7.60 -3.49
CA ARG A 370 -10.97 -7.76 -3.70
C ARG A 370 -11.72 -6.74 -2.90
N GLY A 371 -11.29 -6.35 -1.72
CA GLY A 371 -12.05 -5.45 -0.92
C GLY A 371 -11.77 -3.94 -0.95
N LEU A 372 -10.59 -3.55 -1.40
CA LEU A 372 -10.21 -2.19 -1.56
C LEU A 372 -9.92 -1.82 -3.03
N GLN A 373 -9.09 -2.61 -3.69
CA GLN A 373 -8.68 -2.25 -5.08
C GLN A 373 -9.84 -2.37 -6.03
N PHE A 374 -10.64 -3.44 -5.95
CA PHE A 374 -11.77 -3.55 -6.87
C PHE A 374 -12.71 -2.30 -6.73
N ALA A 375 -12.85 -1.84 -5.53
CA ALA A 375 -13.73 -0.60 -5.28
C ALA A 375 -13.16 0.60 -5.99
N GLU A 376 -11.84 0.72 -5.99
CA GLU A 376 -11.25 1.81 -6.76
C GLU A 376 -11.48 1.67 -8.24
N ASP A 377 -11.38 0.46 -8.77
CA ASP A 377 -11.51 0.18 -10.18
C ASP A 377 -12.94 0.30 -10.69
N ALA A 378 -13.86 0.47 -9.76
CA ALA A 378 -15.32 0.74 -10.15
C ALA A 378 -15.62 2.23 -9.91
N SER A 379 -14.68 3.01 -9.41
CA SER A 379 -14.96 4.38 -8.89
C SER A 379 -14.69 5.41 -9.96
N PRO A 380 -15.03 6.66 -9.64
CA PRO A 380 -14.65 7.78 -10.55
C PRO A 380 -13.20 7.95 -10.74
N MET A 381 -12.39 7.45 -9.79
CA MET A 381 -10.96 7.56 -9.92
C MET A 381 -10.28 6.34 -10.62
N ALA A 382 -11.07 5.47 -11.24
CA ALA A 382 -10.51 4.32 -11.93
C ALA A 382 -9.46 4.75 -12.93
N HIS A 383 -8.37 3.98 -13.01
CA HIS A 383 -7.28 4.14 -13.92
C HIS A 383 -6.56 2.90 -14.23
N PRO A 384 -5.94 2.78 -15.39
CA PRO A 384 -5.10 1.61 -15.63
C PRO A 384 -3.82 1.70 -14.75
N ILE A 385 -3.13 0.59 -14.60
CA ILE A 385 -1.90 0.60 -13.80
C ILE A 385 -0.87 1.53 -14.39
N ARG A 386 -0.95 1.80 -15.71
CA ARG A 386 -0.13 2.86 -16.39
C ARG A 386 -1.14 3.90 -16.74
N PRO A 387 -1.28 4.93 -15.93
CA PRO A 387 -2.33 5.92 -16.25
C PRO A 387 -2.02 6.67 -17.56
N ASP A 388 -3.14 7.22 -18.08
CA ASP A 388 -3.08 8.05 -19.32
C ASP A 388 -3.22 9.55 -19.06
N MET A 389 -3.82 9.93 -17.92
CA MET A 389 -4.15 11.33 -17.65
C MET A 389 -4.02 11.57 -16.17
N VAL A 390 -3.26 12.60 -15.79
CA VAL A 390 -3.10 12.95 -14.40
C VAL A 390 -3.13 14.47 -14.22
N ILE A 391 -3.87 14.95 -13.21
CA ILE A 391 -3.86 16.37 -12.84
C ILE A 391 -2.82 16.55 -11.76
N GLU A 392 -2.94 15.78 -10.66
CA GLU A 392 -1.97 15.82 -9.52
C GLU A 392 -1.35 14.43 -9.39
N MET A 393 -0.06 14.33 -9.73
CA MET A 393 0.59 13.00 -9.69
C MET A 393 0.55 12.37 -8.28
N ASN A 394 0.50 13.15 -7.20
CA ASN A 394 0.47 12.53 -5.90
C ASN A 394 -0.82 11.77 -5.67
N ASN A 395 -1.86 11.99 -6.50
CA ASN A 395 -3.10 11.23 -6.44
C ASN A 395 -3.00 9.87 -7.01
N PHE A 396 -1.91 9.49 -7.68
CA PHE A 396 -1.80 8.24 -8.39
C PHE A 396 -0.86 7.25 -7.70
N TYR A 397 -0.67 7.47 -6.41
CA TYR A 397 0.02 6.46 -5.54
C TYR A 397 -1.03 5.58 -4.92
N THR A 398 -1.60 4.70 -5.75
CA THR A 398 -2.87 4.08 -5.48
C THR A 398 -2.80 2.57 -5.32
N LEU A 399 -3.89 2.04 -4.72
CA LEU A 399 -4.10 0.59 -4.66
C LEU A 399 -3.97 0.01 -6.04
N THR A 400 -4.41 0.68 -7.11
CA THR A 400 -4.29 0.19 -8.46
C THR A 400 -2.82 0.05 -8.88
N VAL A 401 -2.13 1.19 -8.80
CA VAL A 401 -0.75 1.21 -9.30
C VAL A 401 0.16 0.23 -8.54
N TYR A 402 -0.08 0.18 -7.23
CA TYR A 402 0.66 -0.65 -6.28
C TYR A 402 0.23 -2.13 -6.29
N GLU A 403 -0.99 -2.36 -5.85
CA GLU A 403 -1.46 -3.72 -5.55
C GLU A 403 -1.87 -4.40 -6.82
N LYS A 404 -2.66 -3.74 -7.70
CA LYS A 404 -2.98 -4.34 -8.99
C LYS A 404 -1.72 -4.44 -9.86
N GLY A 405 -0.83 -3.43 -9.73
CA GLY A 405 0.48 -3.52 -10.42
C GLY A 405 1.23 -4.77 -10.06
N ALA A 406 1.23 -5.07 -8.78
CA ALA A 406 1.91 -6.29 -8.33
C ALA A 406 1.23 -7.56 -8.83
N GLU A 407 -0.11 -7.55 -8.90
CA GLU A 407 -0.81 -8.71 -9.46
C GLU A 407 -0.41 -8.88 -10.94
N VAL A 408 -0.20 -7.78 -11.68
CA VAL A 408 0.23 -7.83 -13.05
C VAL A 408 1.63 -8.46 -13.18
N ILE A 409 2.55 -8.05 -12.31
CA ILE A 409 3.89 -8.68 -12.27
C ILE A 409 3.75 -10.19 -11.92
N ARG A 410 2.93 -10.49 -10.93
CA ARG A 410 2.68 -11.91 -10.53
C ARG A 410 2.12 -12.73 -11.66
N MET A 411 1.28 -12.10 -12.48
CA MET A 411 0.79 -12.83 -13.65
C MET A 411 1.91 -13.13 -14.66
N ILE A 412 2.86 -12.16 -14.87
CA ILE A 412 4.02 -12.49 -15.68
C ILE A 412 4.78 -13.65 -15.06
N HIS A 413 5.01 -13.66 -13.75
CA HIS A 413 5.65 -14.78 -13.07
C HIS A 413 4.90 -16.10 -13.27
N THR A 414 3.59 -16.05 -13.25
CA THR A 414 2.74 -17.26 -13.44
C THR A 414 2.86 -17.75 -14.90
N LEU A 415 2.95 -16.85 -15.88
CA LEU A 415 3.03 -17.22 -17.28
C LEU A 415 4.47 -17.70 -17.60
N LEU A 416 5.48 -17.16 -16.97
CA LEU A 416 6.86 -17.49 -17.30
C LEU A 416 7.51 -18.56 -16.44
N GLY A 417 7.11 -18.64 -15.20
CA GLY A 417 7.83 -19.45 -14.22
C GLY A 417 9.02 -18.71 -13.63
N GLU A 418 9.41 -19.11 -12.42
CA GLU A 418 10.55 -18.48 -11.73
C GLU A 418 11.82 -18.34 -12.57
N GLU A 419 12.25 -19.42 -13.22
CA GLU A 419 13.52 -19.38 -13.92
C GLU A 419 13.50 -18.31 -15.05
N ASN A 420 12.47 -18.35 -15.92
CA ASN A 420 12.37 -17.38 -16.96
C ASN A 420 12.10 -15.96 -16.40
N PHE A 421 11.29 -15.86 -15.33
CA PHE A 421 11.05 -14.51 -14.75
C PHE A 421 12.40 -13.90 -14.31
N GLN A 422 13.25 -14.69 -13.68
CA GLN A 422 14.54 -14.15 -13.25
C GLN A 422 15.45 -13.85 -14.43
N LYS A 423 15.43 -14.65 -15.52
CA LYS A 423 16.10 -14.27 -16.75
C LYS A 423 15.66 -12.92 -17.29
N GLY A 424 14.35 -12.65 -17.20
CA GLY A 424 13.79 -11.33 -17.57
C GLY A 424 14.26 -10.22 -16.69
N MET A 425 14.28 -10.45 -15.36
CA MET A 425 14.82 -9.46 -14.44
C MET A 425 16.25 -9.16 -14.82
N GLN A 426 17.00 -10.22 -15.09
CA GLN A 426 18.44 -9.99 -15.44
C GLN A 426 18.64 -9.22 -16.72
N LEU A 427 17.83 -9.50 -17.72
CA LEU A 427 17.88 -8.75 -18.99
C LEU A 427 17.42 -7.34 -18.81
N TYR A 428 16.39 -7.11 -18.01
CA TYR A 428 15.90 -5.77 -17.63
C TYR A 428 17.08 -4.86 -17.06
N PHE A 429 17.75 -5.41 -16.06
CA PHE A 429 18.90 -4.67 -15.49
C PHE A 429 20.01 -4.54 -16.50
N GLU A 430 20.34 -5.59 -17.24
CA GLU A 430 21.41 -5.47 -18.20
C GLU A 430 21.17 -4.32 -19.14
N ARG A 431 19.95 -4.25 -19.68
CA ARG A 431 19.59 -3.22 -20.61
C ARG A 431 19.44 -1.84 -20.07
N HIS A 432 18.92 -1.73 -18.88
CA HIS A 432 18.43 -0.52 -18.36
C HIS A 432 19.11 0.08 -17.10
N ASP A 433 20.07 -0.64 -16.54
CA ASP A 433 20.80 -0.11 -15.41
C ASP A 433 21.37 1.27 -15.74
N GLY A 434 21.19 2.21 -14.89
CA GLY A 434 21.65 3.56 -14.99
C GLY A 434 20.77 4.46 -15.77
N SER A 435 19.55 4.04 -16.06
CA SER A 435 18.67 4.80 -16.95
CA SER A 435 18.65 4.79 -16.94
C SER A 435 17.26 4.87 -16.36
N ALA A 436 16.42 5.72 -17.00
CA ALA A 436 15.01 5.81 -16.73
C ALA A 436 14.27 5.02 -17.79
N ALA A 437 13.43 4.08 -17.42
CA ALA A 437 12.78 3.17 -18.35
C ALA A 437 11.28 3.26 -18.22
N THR A 438 10.63 2.51 -19.16
CA THR A 438 9.20 2.47 -19.20
C THR A 438 8.62 1.07 -18.87
N CYS A 439 7.31 1.04 -18.58
CA CYS A 439 6.62 -0.27 -18.41
C CYS A 439 6.83 -1.17 -19.59
N ASP A 440 6.75 -0.61 -20.80
CA ASP A 440 6.93 -1.38 -21.98
C ASP A 440 8.30 -2.00 -22.07
N ASP A 441 9.33 -1.23 -21.66
CA ASP A 441 10.67 -1.77 -21.56
C ASP A 441 10.77 -3.02 -20.73
N PHE A 442 10.11 -2.99 -19.54
CA PHE A 442 10.13 -4.11 -18.63
C PHE A 442 9.47 -5.35 -19.29
N VAL A 443 8.32 -5.13 -19.89
CA VAL A 443 7.60 -6.25 -20.50
C VAL A 443 8.42 -6.78 -21.66
N GLN A 444 9.04 -5.92 -22.43
CA GLN A 444 9.92 -6.40 -23.51
C GLN A 444 11.04 -7.28 -23.00
N ALA A 445 11.63 -6.88 -21.87
CA ALA A 445 12.73 -7.69 -21.35
C ALA A 445 12.23 -9.06 -20.94
N MET A 446 11.08 -9.12 -20.28
CA MET A 446 10.49 -10.39 -19.94
C MET A 446 10.15 -11.26 -21.14
N GLU A 447 9.58 -10.69 -22.17
CA GLU A 447 9.32 -11.37 -23.44
C GLU A 447 10.59 -11.89 -24.06
N ASP A 448 11.56 -11.02 -24.22
CA ASP A 448 12.78 -11.44 -24.89
C ASP A 448 13.58 -12.50 -24.18
N ALA A 449 13.66 -12.46 -22.86
CA ALA A 449 14.44 -13.41 -22.09
C ALA A 449 13.76 -14.77 -22.08
N SER A 450 12.40 -14.77 -22.09
CA SER A 450 11.64 -16.01 -21.89
C SER A 450 11.14 -16.66 -23.15
N ASN A 451 11.03 -15.89 -24.23
CA ASN A 451 10.39 -16.23 -25.46
C ASN A 451 8.91 -16.48 -25.28
N VAL A 452 8.29 -15.90 -24.25
CA VAL A 452 6.86 -15.99 -24.10
C VAL A 452 6.28 -14.69 -24.68
N ASP A 453 5.27 -14.77 -25.55
CA ASP A 453 4.73 -13.61 -26.19
C ASP A 453 3.79 -12.87 -25.22
N LEU A 454 4.14 -11.64 -24.89
CA LEU A 454 3.35 -10.79 -24.00
C LEU A 454 2.69 -9.62 -24.69
N SER A 455 2.50 -9.67 -26.02
CA SER A 455 1.87 -8.62 -26.73
C SER A 455 0.42 -8.31 -26.31
N HIS A 456 -0.34 -9.44 -26.25
CA HIS A 456 -1.73 -9.31 -25.73
C HIS A 456 -1.72 -8.95 -24.26
N PHE A 457 -0.80 -9.55 -23.55
CA PHE A 457 -0.72 -9.27 -22.08
C PHE A 457 -0.55 -7.80 -21.73
N ARG A 458 0.15 -7.06 -22.60
CA ARG A 458 0.35 -5.64 -22.40
C ARG A 458 -0.94 -4.85 -22.17
N ARG A 459 -2.10 -5.36 -22.64
CA ARG A 459 -3.35 -4.71 -22.38
C ARG A 459 -3.68 -4.52 -20.91
N TRP A 460 -3.08 -5.38 -20.04
CA TRP A 460 -3.25 -5.15 -18.59
C TRP A 460 -2.74 -3.82 -18.12
N TYR A 461 -1.78 -3.23 -18.84
CA TYR A 461 -1.21 -1.93 -18.50
C TYR A 461 -2.07 -0.77 -18.91
N SER A 462 -2.87 -0.96 -19.98
CA SER A 462 -3.59 0.17 -20.56
C SER A 462 -5.06 0.17 -20.31
N GLN A 463 -5.63 -0.95 -19.81
CA GLN A 463 -7.06 -1.05 -19.60
C GLN A 463 -7.36 -1.03 -18.12
N SER A 464 -8.30 -0.19 -17.68
CA SER A 464 -8.74 -0.14 -16.32
C SER A 464 -9.96 -1.07 -16.10
N GLY A 465 -10.36 -1.17 -14.85
CA GLY A 465 -11.52 -1.96 -14.48
C GLY A 465 -11.17 -3.41 -14.15
N THR A 466 -12.11 -4.08 -13.45
CA THR A 466 -11.92 -5.45 -13.06
C THR A 466 -12.60 -6.41 -14.04
N PRO A 467 -11.89 -7.28 -14.69
CA PRO A 467 -12.53 -8.35 -15.50
C PRO A 467 -13.39 -9.26 -14.68
N ILE A 468 -14.50 -9.62 -15.31
CA ILE A 468 -15.42 -10.64 -14.75
C ILE A 468 -15.27 -11.89 -15.63
N VAL A 469 -14.93 -13.00 -14.96
CA VAL A 469 -14.66 -14.26 -15.62
C VAL A 469 -15.76 -15.25 -15.23
N THR A 470 -16.55 -15.70 -16.22
CA THR A 470 -17.69 -16.59 -15.97
C THR A 470 -17.27 -17.95 -16.40
N VAL A 471 -17.54 -18.99 -15.57
CA VAL A 471 -17.13 -20.33 -15.88
C VAL A 471 -18.38 -21.29 -15.72
N LYS A 472 -18.60 -22.01 -16.76
CA LYS A 472 -19.61 -23.12 -16.76
C LYS A 472 -18.89 -24.40 -17.05
N ASP A 473 -19.42 -25.49 -16.52
CA ASP A 473 -18.81 -26.76 -16.76
C ASP A 473 -19.76 -27.89 -17.16
N ASP A 474 -19.17 -28.92 -17.74
CA ASP A 474 -19.92 -30.10 -18.22
C ASP A 474 -19.07 -31.34 -18.05
N TYR A 475 -19.61 -32.41 -17.46
CA TYR A 475 -18.85 -33.63 -17.34
C TYR A 475 -19.60 -34.64 -18.19
N ASN A 476 -18.92 -35.27 -19.13
CA ASN A 476 -19.57 -36.27 -20.05
C ASN A 476 -19.03 -37.65 -19.65
N PRO A 477 -19.85 -38.45 -18.94
CA PRO A 477 -19.37 -39.68 -18.44
C PRO A 477 -19.15 -40.72 -19.59
N GLU A 478 -19.79 -40.53 -20.73
CA GLU A 478 -19.57 -41.52 -21.85
C GLU A 478 -18.15 -41.40 -22.36
N THR A 479 -17.70 -40.16 -22.55
CA THR A 479 -16.37 -39.90 -23.06
C THR A 479 -15.25 -39.62 -22.03
N GLU A 480 -15.61 -39.45 -20.75
CA GLU A 480 -14.75 -39.12 -19.67
C GLU A 480 -14.01 -37.80 -20.01
N GLN A 481 -14.79 -36.88 -20.46
CA GLN A 481 -14.31 -35.53 -20.78
C GLN A 481 -14.97 -34.52 -19.91
N TYR A 482 -14.18 -33.51 -19.54
CA TYR A 482 -14.74 -32.41 -18.72
C TYR A 482 -14.50 -31.14 -19.53
N THR A 483 -15.49 -30.33 -19.68
CA THR A 483 -15.45 -29.16 -20.57
C THR A 483 -15.66 -27.94 -19.69
N LEU A 484 -14.73 -26.96 -19.73
CA LEU A 484 -14.93 -25.69 -19.08
C LEU A 484 -15.21 -24.66 -20.14
N THR A 485 -16.32 -23.96 -20.04
CA THR A 485 -16.67 -22.86 -20.94
C THR A 485 -16.44 -21.59 -20.14
N ILE A 486 -15.45 -20.77 -20.59
CA ILE A 486 -14.97 -19.63 -19.84
C ILE A 486 -15.17 -18.36 -20.71
N SER A 487 -15.87 -17.41 -20.12
CA SER A 487 -16.00 -16.12 -20.77
CA SER A 487 -16.13 -16.10 -20.73
C SER A 487 -15.47 -15.00 -19.93
N GLN A 488 -15.15 -13.89 -20.61
CA GLN A 488 -14.67 -12.71 -19.91
C GLN A 488 -15.32 -11.48 -20.50
N ARG A 489 -15.46 -10.53 -19.62
CA ARG A 489 -15.78 -9.11 -20.02
C ARG A 489 -15.39 -8.16 -18.92
N THR A 490 -14.99 -6.96 -19.31
CA THR A 490 -14.78 -5.91 -18.42
C THR A 490 -15.82 -4.85 -18.62
N PRO A 491 -16.55 -4.51 -17.58
CA PRO A 491 -17.49 -3.38 -17.75
C PRO A 491 -16.80 -2.09 -18.08
N ALA A 492 -17.45 -1.23 -18.82
CA ALA A 492 -16.94 0.09 -18.97
C ALA A 492 -16.70 0.78 -17.62
N THR A 493 -15.71 1.70 -17.60
CA THR A 493 -15.39 2.42 -16.37
C THR A 493 -15.53 3.90 -16.65
N PRO A 494 -15.49 4.71 -15.62
CA PRO A 494 -15.73 6.14 -15.86
C PRO A 494 -14.70 6.80 -16.76
N ASP A 495 -13.50 6.27 -16.73
CA ASP A 495 -12.40 6.72 -17.56
C ASP A 495 -12.28 6.18 -18.94
N GLN A 496 -12.89 5.05 -19.25
CA GLN A 496 -12.73 4.32 -20.53
C GLN A 496 -14.03 3.67 -20.97
N ALA A 497 -14.47 4.10 -22.17
CA ALA A 497 -15.73 3.55 -22.64
C ALA A 497 -15.49 2.28 -23.45
N GLU A 498 -14.27 1.95 -23.82
CA GLU A 498 -13.97 0.85 -24.63
C GLU A 498 -13.09 -0.15 -23.89
N LYS A 499 -13.49 -1.40 -23.94
CA LYS A 499 -12.80 -2.57 -23.28
C LYS A 499 -12.63 -3.70 -24.22
N GLN A 500 -11.54 -4.45 -24.11
CA GLN A 500 -11.23 -5.59 -24.90
C GLN A 500 -10.79 -6.73 -24.01
N PRO A 501 -10.85 -7.99 -24.52
CA PRO A 501 -10.45 -9.12 -23.69
C PRO A 501 -8.97 -9.03 -23.32
N LEU A 502 -8.65 -9.55 -22.13
CA LEU A 502 -7.25 -9.65 -21.66
C LEU A 502 -6.68 -11.00 -21.84
N HIS A 503 -5.36 -11.14 -21.68
CA HIS A 503 -4.67 -12.43 -21.57
C HIS A 503 -4.70 -12.79 -20.10
N ILE A 504 -5.67 -13.64 -19.72
CA ILE A 504 -5.93 -13.99 -18.33
C ILE A 504 -5.35 -15.36 -18.02
N PRO A 505 -4.30 -15.40 -17.19
CA PRO A 505 -3.79 -16.74 -16.73
C PRO A 505 -4.73 -17.28 -15.69
N PHE A 506 -5.38 -18.40 -16.02
CA PHE A 506 -6.49 -18.92 -15.24
C PHE A 506 -6.12 -20.30 -14.76
N ALA A 507 -5.62 -20.39 -13.55
CA ALA A 507 -5.09 -21.67 -13.01
C ALA A 507 -6.22 -22.50 -12.43
N ILE A 508 -6.17 -23.79 -12.70
CA ILE A 508 -7.20 -24.69 -12.16
C ILE A 508 -6.58 -25.93 -11.60
N GLU A 509 -7.36 -26.67 -10.81
CA GLU A 509 -7.03 -28.01 -10.36
C GLU A 509 -8.33 -28.76 -10.25
N LEU A 510 -8.34 -30.05 -10.61
CA LEU A 510 -9.60 -30.82 -10.61
C LEU A 510 -9.45 -31.92 -9.58
N TYR A 511 -10.44 -32.06 -8.68
CA TYR A 511 -10.38 -33.04 -7.60
C TYR A 511 -11.45 -34.15 -7.88
N ASP A 512 -11.03 -35.37 -7.63
CA ASP A 512 -11.96 -36.51 -7.65
C ASP A 512 -12.71 -36.62 -6.30
N ASN A 513 -13.43 -37.75 -6.11
CA ASN A 513 -14.27 -37.88 -4.94
C ASN A 513 -13.52 -38.20 -3.69
N GLU A 514 -12.29 -38.68 -3.79
CA GLU A 514 -11.49 -38.87 -2.65
C GLU A 514 -10.61 -37.70 -2.31
N GLY A 515 -10.68 -36.58 -3.05
CA GLY A 515 -9.85 -35.47 -2.78
C GLY A 515 -8.48 -35.48 -3.42
N LYS A 516 -8.32 -36.31 -4.43
CA LYS A 516 -7.10 -36.50 -5.18
C LYS A 516 -7.20 -35.68 -6.44
N VAL A 517 -6.06 -35.14 -6.83
CA VAL A 517 -5.98 -34.36 -8.03
C VAL A 517 -6.04 -35.19 -9.31
N ILE A 518 -6.89 -34.84 -10.26
CA ILE A 518 -7.03 -35.55 -11.49
C ILE A 518 -6.00 -34.94 -12.44
N PRO A 519 -5.16 -35.77 -13.09
CA PRO A 519 -4.23 -35.22 -14.05
C PRO A 519 -4.89 -34.55 -15.21
N LEU A 520 -4.43 -33.36 -15.59
CA LEU A 520 -4.98 -32.70 -16.72
C LEU A 520 -4.36 -33.08 -17.97
N GLN A 521 -5.15 -33.51 -18.90
CA GLN A 521 -4.61 -33.95 -20.19
C GLN A 521 -5.55 -33.85 -21.26
N LYS A 522 -5.04 -33.90 -22.50
CA LYS A 522 -5.90 -33.85 -23.63
C LYS A 522 -5.23 -34.57 -24.85
N GLY A 523 -5.95 -35.45 -25.55
CA GLY A 523 -5.38 -36.16 -26.72
C GLY A 523 -4.08 -36.90 -26.45
N GLY A 524 -3.88 -37.45 -25.27
CA GLY A 524 -2.65 -38.15 -24.91
C GLY A 524 -1.47 -37.35 -24.37
N HIS A 525 -1.69 -36.04 -24.12
CA HIS A 525 -0.62 -35.10 -23.74
C HIS A 525 -1.07 -34.34 -22.49
N PRO A 526 -0.18 -34.23 -21.49
CA PRO A 526 -0.47 -33.23 -20.43
C PRO A 526 -0.80 -31.82 -20.89
N VAL A 527 -1.62 -31.15 -20.09
CA VAL A 527 -2.09 -29.82 -20.38
C VAL A 527 -1.64 -29.04 -19.14
N ASN A 528 -1.00 -27.89 -19.38
CA ASN A 528 -0.61 -27.04 -18.31
C ASN A 528 -1.89 -26.55 -17.50
N SER A 529 -1.75 -26.53 -16.21
CA SER A 529 -2.86 -26.11 -15.33
C SER A 529 -3.17 -24.61 -15.36
N VAL A 530 -2.27 -23.79 -15.95
CA VAL A 530 -2.56 -22.36 -16.21
C VAL A 530 -3.16 -22.24 -17.58
N LEU A 531 -4.49 -22.08 -17.64
CA LEU A 531 -5.17 -21.97 -18.88
C LEU A 531 -4.99 -20.51 -19.43
N ASN A 532 -4.79 -20.40 -20.74
CA ASN A 532 -4.65 -19.05 -21.30
C ASN A 532 -6.01 -18.61 -21.81
N VAL A 533 -6.72 -17.83 -21.01
CA VAL A 533 -8.06 -17.34 -21.30
C VAL A 533 -7.85 -16.01 -22.01
N THR A 534 -7.85 -16.06 -23.36
CA THR A 534 -7.46 -14.85 -24.17
C THR A 534 -8.61 -14.27 -24.98
N GLN A 535 -9.76 -14.99 -24.98
CA GLN A 535 -10.88 -14.56 -25.79
C GLN A 535 -12.06 -14.16 -24.97
N ALA A 536 -13.10 -13.60 -25.60
CA ALA A 536 -14.33 -13.25 -24.89
C ALA A 536 -15.01 -14.53 -24.39
N GLU A 537 -14.95 -15.54 -25.21
CA GLU A 537 -15.47 -16.87 -24.86
C GLU A 537 -14.64 -17.98 -25.47
N GLN A 538 -14.39 -19.05 -24.72
CA GLN A 538 -13.64 -20.17 -25.22
C GLN A 538 -13.96 -21.42 -24.42
N THR A 539 -13.68 -22.55 -25.02
CA THR A 539 -13.87 -23.84 -24.37
C THR A 539 -12.56 -24.54 -24.15
N PHE A 540 -12.38 -25.20 -23.02
CA PHE A 540 -11.28 -26.08 -22.74
C PHE A 540 -11.78 -27.48 -22.41
N VAL A 541 -11.31 -28.46 -23.15
CA VAL A 541 -11.75 -29.86 -22.98
C VAL A 541 -10.63 -30.66 -22.43
N PHE A 542 -10.90 -31.49 -21.40
CA PHE A 542 -9.93 -32.32 -20.75
C PHE A 542 -10.43 -33.76 -20.84
N ASP A 543 -9.49 -34.66 -21.17
CA ASP A 543 -9.75 -36.11 -21.42
C ASP A 543 -9.31 -36.88 -20.22
N ASN A 544 -9.70 -38.19 -20.24
CA ASN A 544 -9.34 -39.13 -19.21
C ASN A 544 -9.67 -38.54 -17.78
N VAL A 545 -10.84 -37.91 -17.74
CA VAL A 545 -11.32 -37.39 -16.49
C VAL A 545 -12.31 -38.48 -15.93
N TYR A 546 -11.83 -39.26 -15.00
CA TYR A 546 -12.46 -40.57 -14.71
C TYR A 546 -13.56 -40.39 -13.67
N PHE A 547 -13.71 -39.20 -13.14
CA PHE A 547 -14.74 -38.92 -12.12
C PHE A 547 -15.17 -37.47 -12.31
N GLN A 548 -16.45 -37.16 -12.06
CA GLN A 548 -16.91 -35.79 -12.14
C GLN A 548 -16.07 -34.96 -11.18
N PRO A 549 -15.41 -33.87 -11.70
CA PRO A 549 -14.52 -33.16 -10.81
C PRO A 549 -15.23 -32.16 -9.88
N VAL A 550 -14.63 -31.87 -8.75
CA VAL A 550 -14.87 -30.59 -8.02
C VAL A 550 -13.71 -29.72 -8.49
N PRO A 551 -13.99 -28.62 -9.17
CA PRO A 551 -12.85 -27.80 -9.61
C PRO A 551 -12.42 -26.78 -8.55
N ALA A 552 -11.12 -26.52 -8.49
CA ALA A 552 -10.61 -25.37 -7.83
C ALA A 552 -10.22 -24.41 -8.97
N LEU A 553 -10.80 -23.20 -8.97
CA LEU A 553 -10.72 -22.29 -10.08
C LEU A 553 -10.02 -20.99 -9.66
N LEU A 554 -9.27 -20.41 -10.58
CA LEU A 554 -8.50 -19.19 -10.24
C LEU A 554 -7.53 -19.44 -9.08
N CYS A 555 -6.82 -20.57 -9.13
CA CYS A 555 -5.93 -21.01 -8.04
C CYS A 555 -4.94 -19.88 -7.66
N GLU A 556 -4.71 -19.69 -6.38
CA GLU A 556 -3.87 -18.65 -5.80
CA GLU A 556 -3.76 -18.69 -5.94
C GLU A 556 -4.16 -17.27 -6.39
N PHE A 557 -5.42 -17.07 -6.74
CA PHE A 557 -5.94 -15.80 -7.35
C PHE A 557 -5.01 -15.46 -8.51
N SER A 558 -5.02 -16.30 -9.53
CA SER A 558 -4.08 -16.27 -10.62
C SER A 558 -4.17 -15.11 -11.54
N ALA A 559 -5.30 -14.40 -11.48
CA ALA A 559 -5.49 -13.13 -12.25
C ALA A 559 -6.40 -12.27 -11.40
N PRO A 560 -6.33 -10.95 -11.49
CA PRO A 560 -7.07 -10.05 -10.65
C PRO A 560 -8.44 -9.82 -11.21
N VAL A 561 -9.31 -10.80 -11.01
CA VAL A 561 -10.65 -10.86 -11.67
C VAL A 561 -11.69 -11.28 -10.71
N LYS A 562 -12.93 -10.98 -11.05
CA LYS A 562 -14.11 -11.52 -10.31
C LYS A 562 -14.44 -12.83 -10.92
N LEU A 563 -14.66 -13.87 -10.17
CA LEU A 563 -15.03 -15.16 -10.76
C LEU A 563 -16.50 -15.42 -10.51
N GLU A 564 -17.20 -15.81 -11.55
CA GLU A 564 -18.60 -16.23 -11.49
C GLU A 564 -18.64 -17.71 -11.89
N TYR A 565 -18.87 -18.55 -10.91
CA TYR A 565 -19.10 -20.00 -11.07
C TYR A 565 -20.21 -20.36 -10.10
N LYS A 566 -21.14 -21.18 -10.55
CA LYS A 566 -22.30 -21.57 -9.70
C LYS A 566 -21.93 -22.73 -8.76
N TRP A 567 -21.14 -22.43 -7.74
CA TRP A 567 -20.74 -23.36 -6.69
C TRP A 567 -21.96 -23.87 -5.90
N SER A 568 -22.01 -25.18 -5.69
CA SER A 568 -22.87 -25.70 -4.59
C SER A 568 -22.19 -25.47 -3.28
N ASP A 569 -22.98 -25.49 -2.18
CA ASP A 569 -22.36 -25.41 -0.92
C ASP A 569 -21.43 -26.59 -0.66
N GLN A 570 -21.88 -27.77 -1.06
CA GLN A 570 -21.08 -28.94 -0.80
CA GLN A 570 -21.10 -28.98 -0.90
C GLN A 570 -19.76 -28.96 -1.61
N GLN A 571 -19.72 -28.37 -2.80
CA GLN A 571 -18.43 -28.25 -3.50
C GLN A 571 -17.50 -27.39 -2.73
N LEU A 572 -18.01 -26.37 -2.10
CA LEU A 572 -17.17 -25.45 -1.36
C LEU A 572 -16.69 -26.07 -0.09
N THR A 573 -17.53 -26.81 0.64
CA THR A 573 -17.06 -27.42 1.90
C THR A 573 -16.10 -28.57 1.56
N PHE A 574 -16.27 -29.22 0.43
CA PHE A 574 -15.36 -30.22 -0.08
C PHE A 574 -13.98 -29.59 -0.22
N LEU A 575 -13.94 -28.45 -0.90
CA LEU A 575 -12.61 -27.78 -1.10
C LEU A 575 -12.01 -27.36 0.22
N MET A 576 -12.80 -26.91 1.18
CA MET A 576 -12.32 -26.53 2.51
C MET A 576 -11.60 -27.71 3.20
N ARG A 577 -12.06 -28.91 2.91
CA ARG A 577 -11.45 -30.14 3.48
C ARG A 577 -10.34 -30.70 2.70
N HIS A 578 -10.41 -30.61 1.40
CA HIS A 578 -9.52 -31.34 0.50
C HIS A 578 -8.54 -30.58 -0.29
N ALA A 579 -8.75 -29.28 -0.57
CA ALA A 579 -7.91 -28.64 -1.55
C ALA A 579 -6.44 -28.67 -1.11
N ARG A 580 -5.57 -28.88 -2.11
CA ARG A 580 -4.12 -29.05 -1.79
C ARG A 580 -3.48 -27.76 -1.34
N ASN A 581 -3.83 -26.59 -1.89
CA ASN A 581 -3.20 -25.38 -1.53
C ASN A 581 -4.00 -24.72 -0.45
N ASP A 582 -3.38 -24.19 0.54
CA ASP A 582 -4.07 -23.54 1.62
C ASP A 582 -4.92 -22.38 1.15
N PHE A 583 -4.43 -21.63 0.17
CA PHE A 583 -5.20 -20.50 -0.33
C PHE A 583 -6.58 -20.94 -0.81
N SER A 584 -6.65 -22.06 -1.54
CA SER A 584 -7.91 -22.50 -2.11
C SER A 584 -8.91 -22.90 -1.01
N ARG A 585 -8.40 -23.39 0.13
CA ARG A 585 -9.31 -23.74 1.26
CA ARG A 585 -9.33 -23.70 1.27
C ARG A 585 -9.96 -22.48 1.83
N TRP A 586 -9.16 -21.38 1.97
CA TRP A 586 -9.64 -20.10 2.41
C TRP A 586 -10.59 -19.54 1.36
N ASP A 587 -10.24 -19.61 0.06
CA ASP A 587 -11.06 -18.96 -0.99
C ASP A 587 -12.43 -19.65 -1.04
N ALA A 588 -12.43 -20.96 -0.87
CA ALA A 588 -13.68 -21.73 -0.83
C ALA A 588 -14.58 -21.27 0.32
N ALA A 589 -13.98 -21.10 1.48
CA ALA A 589 -14.66 -20.55 2.61
C ALA A 589 -15.26 -19.18 2.30
N GLN A 590 -14.48 -18.33 1.57
CA GLN A 590 -15.02 -17.02 1.26
C GLN A 590 -16.23 -17.10 0.33
N SER A 591 -16.18 -17.97 -0.63
CA SER A 591 -17.32 -18.14 -1.53
C SER A 591 -18.56 -18.62 -0.73
N LEU A 592 -18.32 -19.53 0.20
CA LEU A 592 -19.44 -20.10 1.02
C LEU A 592 -20.03 -18.99 1.81
N LEU A 593 -19.23 -18.16 2.46
CA LEU A 593 -19.78 -17.07 3.25
C LEU A 593 -20.44 -16.02 2.39
N ALA A 594 -19.93 -15.73 1.22
CA ALA A 594 -20.44 -14.64 0.38
C ALA A 594 -21.94 -14.87 0.14
N THR A 595 -22.35 -16.06 -0.23
CA THR A 595 -23.81 -16.38 -0.45
C THR A 595 -24.66 -15.97 0.73
N TYR A 596 -24.16 -16.26 1.91
CA TYR A 596 -24.89 -16.04 3.12
C TYR A 596 -24.86 -14.61 3.64
N ILE A 597 -23.74 -13.92 3.33
CA ILE A 597 -23.67 -12.48 3.55
C ILE A 597 -24.70 -11.76 2.72
N LYS A 598 -24.77 -12.14 1.46
CA LYS A 598 -25.75 -11.54 0.57
C LYS A 598 -27.20 -11.78 1.04
N LEU A 599 -27.42 -13.05 1.36
CA LEU A 599 -28.76 -13.46 1.87
C LEU A 599 -29.11 -12.60 3.04
N ASN A 600 -28.21 -12.47 4.01
CA ASN A 600 -28.56 -11.80 5.26
C ASN A 600 -28.62 -10.28 5.18
N VAL A 601 -27.86 -9.64 4.24
CA VAL A 601 -28.09 -8.18 3.94
C VAL A 601 -29.45 -7.96 3.35
N ALA A 602 -29.89 -8.80 2.45
CA ALA A 602 -31.28 -8.71 1.97
C ALA A 602 -32.29 -8.83 3.10
N ARG A 603 -32.07 -9.80 3.97
CA ARG A 603 -32.91 -10.00 5.10
C ARG A 603 -32.94 -8.83 6.04
N HIS A 604 -31.78 -8.19 6.32
CA HIS A 604 -31.72 -7.04 7.19
C HIS A 604 -32.61 -5.94 6.60
N GLN A 605 -32.55 -5.75 5.31
CA GLN A 605 -33.36 -4.68 4.63
C GLN A 605 -34.88 -4.94 4.83
N GLN A 606 -35.25 -6.17 5.05
CA GLN A 606 -36.66 -6.58 5.24
C GLN A 606 -36.97 -6.68 6.75
N GLY A 607 -36.06 -6.41 7.65
CA GLY A 607 -36.23 -6.51 9.05
C GLY A 607 -36.29 -7.93 9.59
N GLN A 608 -35.58 -8.85 8.95
CA GLN A 608 -35.61 -10.25 9.32
C GLN A 608 -34.30 -10.63 9.95
N PRO A 609 -34.32 -11.58 10.86
CA PRO A 609 -33.12 -11.99 11.52
C PRO A 609 -32.22 -12.86 10.67
N LEU A 610 -30.99 -13.01 11.17
CA LEU A 610 -29.99 -13.82 10.49
C LEU A 610 -30.46 -15.25 10.28
N SER A 611 -30.24 -15.77 9.11
CA SER A 611 -30.45 -17.13 8.71
C SER A 611 -29.17 -17.73 8.24
N LEU A 612 -28.87 -18.90 8.69
CA LEU A 612 -27.57 -19.61 8.29
C LEU A 612 -27.86 -21.08 8.37
N PRO A 613 -27.65 -21.84 7.28
CA PRO A 613 -27.86 -23.31 7.35
C PRO A 613 -26.96 -23.94 8.35
N VAL A 614 -27.47 -24.99 8.99
CA VAL A 614 -26.67 -25.79 9.92
C VAL A 614 -25.36 -26.27 9.28
N HIS A 615 -25.42 -26.73 8.03
CA HIS A 615 -24.23 -27.27 7.33
C HIS A 615 -23.10 -26.23 7.18
N VAL A 616 -23.47 -24.94 7.10
CA VAL A 616 -22.46 -23.85 7.01
C VAL A 616 -21.78 -23.68 8.31
N ALA A 617 -22.51 -23.60 9.42
CA ALA A 617 -21.86 -23.60 10.71
C ALA A 617 -20.98 -24.85 10.94
N ASP A 618 -21.44 -25.99 10.47
CA ASP A 618 -20.67 -27.21 10.67
C ASP A 618 -19.35 -27.17 9.92
N ALA A 619 -19.32 -26.48 8.80
CA ALA A 619 -18.04 -26.37 8.06
C ALA A 619 -16.99 -25.60 8.88
N PHE A 620 -17.38 -24.51 9.54
CA PHE A 620 -16.50 -23.71 10.36
C PHE A 620 -16.15 -24.45 11.66
N ARG A 621 -17.09 -25.25 12.19
CA ARG A 621 -16.75 -26.16 13.29
C ARG A 621 -15.63 -27.09 12.90
N ALA A 622 -15.71 -27.69 11.72
CA ALA A 622 -14.73 -28.65 11.25
C ALA A 622 -13.33 -28.02 11.17
N VAL A 623 -13.27 -26.74 10.78
CA VAL A 623 -11.99 -26.04 10.65
C VAL A 623 -11.42 -25.83 12.03
N LEU A 624 -12.27 -25.46 12.96
CA LEU A 624 -11.81 -25.33 14.35
C LEU A 624 -11.26 -26.58 14.95
N LEU A 625 -11.81 -27.72 14.64
CA LEU A 625 -11.42 -28.92 15.33
C LEU A 625 -10.41 -29.71 14.54
N ASP A 626 -9.99 -29.25 13.35
CA ASP A 626 -9.11 -30.05 12.46
C ASP A 626 -7.72 -29.88 12.98
N GLU A 627 -7.15 -30.99 13.41
CA GLU A 627 -5.79 -30.95 14.03
C GLU A 627 -4.70 -30.83 12.98
N LYS A 628 -4.98 -31.14 11.73
CA LYS A 628 -3.98 -31.16 10.64
C LYS A 628 -3.79 -29.76 10.06
N ILE A 629 -4.80 -28.91 10.13
CA ILE A 629 -4.74 -27.65 9.44
C ILE A 629 -3.71 -26.70 10.10
N ASP A 630 -2.94 -25.97 9.28
CA ASP A 630 -2.06 -24.94 9.83
C ASP A 630 -2.84 -23.93 10.59
N PRO A 631 -2.50 -23.61 11.81
CA PRO A 631 -3.23 -22.62 12.55
C PRO A 631 -3.27 -21.25 11.84
N ALA A 632 -2.23 -20.94 11.06
CA ALA A 632 -2.23 -19.67 10.29
C ALA A 632 -3.37 -19.65 9.30
N LEU A 633 -3.63 -20.78 8.67
CA LEU A 633 -4.77 -20.87 7.74
C LEU A 633 -6.10 -20.88 8.43
N ALA A 634 -6.18 -21.64 9.50
CA ALA A 634 -7.37 -21.69 10.29
C ALA A 634 -7.74 -20.34 10.78
N ALA A 635 -6.80 -19.53 11.21
CA ALA A 635 -7.15 -18.22 11.71
C ALA A 635 -7.75 -17.33 10.63
N GLU A 636 -7.23 -17.44 9.43
CA GLU A 636 -7.79 -16.61 8.35
C GLU A 636 -9.17 -17.09 7.90
N ILE A 637 -9.37 -18.40 7.88
CA ILE A 637 -10.75 -18.94 7.55
C ILE A 637 -11.74 -18.43 8.65
N LEU A 638 -11.28 -18.32 9.88
CA LEU A 638 -12.05 -17.81 11.01
C LEU A 638 -12.07 -16.33 11.22
N THR A 639 -11.54 -15.53 10.27
CA THR A 639 -11.60 -14.10 10.28
C THR A 639 -12.62 -13.70 9.15
N LEU A 640 -13.77 -13.17 9.60
CA LEU A 640 -14.79 -12.85 8.64
C LEU A 640 -14.34 -11.73 7.70
N PRO A 641 -14.84 -11.78 6.49
CA PRO A 641 -14.53 -10.63 5.59
C PRO A 641 -14.83 -9.31 6.22
N SER A 642 -13.99 -8.26 5.95
CA SER A 642 -14.21 -6.96 6.51
C SER A 642 -15.44 -6.29 5.83
N VAL A 643 -15.92 -5.22 6.41
CA VAL A 643 -17.05 -4.50 5.85
C VAL A 643 -16.72 -4.03 4.46
N ASN A 644 -15.43 -3.71 4.19
CA ASN A 644 -15.04 -3.32 2.85
C ASN A 644 -15.06 -4.46 1.87
N GLU A 645 -14.59 -5.69 2.21
CA GLU A 645 -14.70 -6.85 1.42
C GLU A 645 -16.17 -7.20 1.18
N MET A 646 -16.98 -7.03 2.23
CA MET A 646 -18.43 -7.32 2.07
C MET A 646 -19.08 -6.42 1.06
N ALA A 647 -18.72 -5.17 1.08
CA ALA A 647 -19.37 -4.16 0.23
C ALA A 647 -19.15 -4.54 -1.23
N GLU A 648 -18.04 -5.16 -1.57
CA GLU A 648 -17.78 -5.51 -2.97
C GLU A 648 -18.68 -6.59 -3.55
N LEU A 649 -19.38 -7.30 -2.65
CA LEU A 649 -20.36 -8.28 -3.12
C LEU A 649 -21.59 -7.69 -3.72
N PHE A 650 -21.84 -6.40 -3.53
CA PHE A 650 -23.09 -5.68 -3.80
C PHE A 650 -22.94 -4.61 -4.90
N ASP A 651 -23.96 -4.47 -5.75
CA ASP A 651 -23.96 -3.31 -6.68
C ASP A 651 -24.27 -2.06 -5.94
N ILE A 652 -25.33 -2.08 -5.13
CA ILE A 652 -25.57 -0.94 -4.27
C ILE A 652 -25.22 -1.26 -2.83
N ILE A 653 -24.36 -0.49 -2.19
CA ILE A 653 -23.89 -0.77 -0.86
C ILE A 653 -24.91 -0.23 0.17
N ASP A 654 -25.30 -1.11 1.11
CA ASP A 654 -26.05 -0.73 2.26
C ASP A 654 -25.16 -0.85 3.48
N PRO A 655 -24.53 0.24 3.87
CA PRO A 655 -23.48 0.06 4.83
C PRO A 655 -23.93 -0.29 6.24
N ILE A 656 -25.17 0.09 6.64
CA ILE A 656 -25.71 -0.29 7.91
C ILE A 656 -26.04 -1.76 7.94
N ALA A 657 -26.63 -2.24 6.88
CA ALA A 657 -26.96 -3.66 6.81
C ALA A 657 -25.66 -4.46 6.90
N ILE A 658 -24.65 -4.04 6.13
CA ILE A 658 -23.43 -4.82 6.08
C ILE A 658 -22.80 -4.84 7.49
N ALA A 659 -22.75 -3.71 8.20
CA ALA A 659 -22.15 -3.72 9.52
C ALA A 659 -22.96 -4.56 10.52
N GLU A 660 -24.26 -4.50 10.42
CA GLU A 660 -25.09 -5.24 11.33
C GLU A 660 -25.12 -6.70 11.05
N VAL A 661 -25.07 -7.10 9.78
CA VAL A 661 -24.93 -8.52 9.43
C VAL A 661 -23.59 -9.12 9.83
N ARG A 662 -22.53 -8.32 9.70
CA ARG A 662 -21.22 -8.79 10.16
C ARG A 662 -21.27 -9.06 11.67
N GLU A 663 -21.84 -8.16 12.42
CA GLU A 663 -21.98 -8.42 13.85
C GLU A 663 -22.86 -9.65 14.16
N ALA A 664 -23.97 -9.74 13.46
CA ALA A 664 -24.92 -10.86 13.74
C ALA A 664 -24.34 -12.19 13.35
N LEU A 665 -23.59 -12.27 12.27
CA LEU A 665 -22.96 -13.49 11.84
C LEU A 665 -21.90 -13.88 12.88
N THR A 666 -21.18 -12.87 13.44
CA THR A 666 -20.24 -13.15 14.50
C THR A 666 -20.96 -13.74 15.74
N ARG A 667 -22.10 -13.16 16.09
CA ARG A 667 -22.82 -13.61 17.27
C ARG A 667 -23.41 -14.99 17.03
N THR A 668 -23.87 -15.27 15.85
CA THR A 668 -24.40 -16.62 15.51
C THR A 668 -23.35 -17.70 15.61
N LEU A 669 -22.20 -17.45 15.02
CA LEU A 669 -21.10 -18.40 15.07
C LEU A 669 -20.58 -18.54 16.49
N ALA A 670 -20.54 -17.45 17.25
CA ALA A 670 -20.14 -17.49 18.69
C ALA A 670 -21.04 -18.42 19.50
N THR A 671 -22.32 -18.34 19.21
CA THR A 671 -23.32 -19.27 19.91
C THR A 671 -23.19 -20.66 19.43
N GLU A 672 -23.20 -20.92 18.14
CA GLU A 672 -23.18 -22.26 17.54
C GLU A 672 -21.85 -22.99 17.84
N LEU A 673 -20.75 -22.25 17.94
CA LEU A 673 -19.42 -22.84 18.13
C LEU A 673 -18.83 -22.59 19.49
N ALA A 674 -19.57 -22.13 20.49
CA ALA A 674 -19.06 -21.64 21.76
C ALA A 674 -18.06 -22.60 22.44
N ASP A 675 -18.46 -23.86 22.54
CA ASP A 675 -17.54 -24.79 23.27
C ASP A 675 -16.24 -25.01 22.50
N GLU A 676 -16.34 -25.15 21.19
CA GLU A 676 -15.19 -25.37 20.32
C GLU A 676 -14.27 -24.14 20.34
N LEU A 677 -14.84 -22.94 20.24
CA LEU A 677 -14.01 -21.69 20.31
C LEU A 677 -13.22 -21.58 21.60
N LEU A 678 -13.87 -21.87 22.75
CA LEU A 678 -13.21 -21.80 24.02
C LEU A 678 -12.15 -22.85 24.06
N ALA A 679 -12.38 -24.05 23.56
CA ALA A 679 -11.33 -25.07 23.65
C ALA A 679 -10.09 -24.70 22.82
N ILE A 680 -10.31 -24.10 21.64
CA ILE A 680 -9.19 -23.72 20.80
C ILE A 680 -8.47 -22.50 21.33
N TYR A 681 -9.21 -21.55 21.89
CA TYR A 681 -8.68 -20.40 22.58
C TYR A 681 -7.67 -20.88 23.67
N ASN A 682 -8.14 -21.77 24.56
CA ASN A 682 -7.25 -22.28 25.56
C ASN A 682 -6.11 -23.11 25.01
N ALA A 683 -6.33 -23.94 24.00
CA ALA A 683 -5.27 -24.82 23.48
C ALA A 683 -4.06 -24.01 22.97
N ASN A 684 -4.29 -22.82 22.44
CA ASN A 684 -3.28 -22.02 21.82
C ASN A 684 -2.66 -20.96 22.67
N TYR A 685 -2.91 -21.01 23.98
CA TYR A 685 -2.25 -20.16 24.93
C TYR A 685 -0.75 -20.36 24.85
N GLN A 686 -0.02 -19.26 24.85
CA GLN A 686 1.48 -19.27 24.80
C GLN A 686 2.00 -18.37 25.93
N SER A 687 2.85 -18.92 26.80
CA SER A 687 3.31 -18.03 27.88
C SER A 687 4.55 -17.23 27.46
N GLU A 688 5.41 -17.72 26.57
CA GLU A 688 6.52 -16.92 26.02
C GLU A 688 5.97 -16.11 24.77
N TYR A 689 6.37 -14.86 24.66
CA TYR A 689 6.08 -14.05 23.45
C TYR A 689 7.28 -14.05 22.56
N ARG A 690 7.13 -14.47 21.33
CA ARG A 690 8.15 -14.39 20.35
C ARG A 690 7.57 -13.84 19.05
N VAL A 691 8.40 -13.06 18.33
CA VAL A 691 8.05 -12.69 16.95
C VAL A 691 8.64 -13.74 16.07
N GLU A 692 7.94 -14.91 15.95
CA GLU A 692 8.36 -15.95 15.17
C GLU A 692 7.06 -16.47 14.47
N HIS A 693 7.17 -16.92 13.25
CA HIS A 693 5.97 -17.19 12.46
C HIS A 693 5.04 -18.28 13.02
N GLU A 694 5.57 -19.32 13.64
CA GLU A 694 4.68 -20.36 14.22
C GLU A 694 3.93 -19.82 15.42
N ASP A 695 4.61 -19.02 16.23
CA ASP A 695 4.05 -18.42 17.37
C ASP A 695 2.96 -17.38 16.95
N ILE A 696 3.29 -16.58 15.93
CA ILE A 696 2.28 -15.61 15.43
C ILE A 696 1.02 -16.30 14.95
N ALA A 697 1.19 -17.42 14.26
CA ALA A 697 0.06 -18.19 13.78
C ALA A 697 -0.86 -18.67 14.89
N LYS A 698 -0.26 -19.24 15.93
CA LYS A 698 -1.03 -19.69 17.04
C LYS A 698 -1.77 -18.61 17.78
N ARG A 699 -1.11 -17.48 17.94
CA ARG A 699 -1.69 -16.31 18.54
C ARG A 699 -2.80 -15.71 17.68
N THR A 700 -2.63 -15.68 16.33
CA THR A 700 -3.70 -15.18 15.44
C THR A 700 -4.92 -16.10 15.55
N LEU A 701 -4.68 -17.37 15.67
CA LEU A 701 -5.86 -18.33 15.84
C LEU A 701 -6.56 -18.09 17.17
N ARG A 702 -5.74 -18.04 18.25
CA ARG A 702 -6.30 -17.77 19.58
C ARG A 702 -7.08 -16.50 19.60
N ASN A 703 -6.55 -15.42 19.03
CA ASN A 703 -7.25 -14.19 19.04
C ASN A 703 -8.50 -14.16 18.07
N ALA A 704 -8.49 -14.93 17.04
CA ALA A 704 -9.66 -15.11 16.17
C ALA A 704 -10.75 -15.80 16.96
N CYS A 705 -10.39 -16.74 17.83
CA CYS A 705 -11.41 -17.32 18.69
C CYS A 705 -11.91 -16.35 19.70
N LEU A 706 -11.04 -15.53 20.33
CA LEU A 706 -11.46 -14.60 21.28
C LEU A 706 -12.46 -13.59 20.68
N ARG A 707 -12.23 -13.18 19.42
CA ARG A 707 -13.20 -12.30 18.80
C ARG A 707 -14.65 -12.82 18.78
N PHE A 708 -14.80 -14.09 18.43
CA PHE A 708 -16.17 -14.71 18.49
C PHE A 708 -16.63 -14.82 19.94
N LEU A 709 -15.73 -15.23 20.83
CA LEU A 709 -16.11 -15.39 22.24
C LEU A 709 -16.56 -14.13 22.85
N ALA A 710 -16.00 -12.99 22.44
CA ALA A 710 -16.43 -11.71 22.94
C ALA A 710 -17.92 -11.37 22.60
N PHE A 711 -18.42 -11.93 21.50
CA PHE A 711 -19.79 -11.71 21.03
C PHE A 711 -20.70 -12.84 21.46
N GLY A 712 -20.24 -13.66 22.39
CA GLY A 712 -21.02 -14.72 22.99
C GLY A 712 -21.70 -14.27 24.29
N GLU A 713 -21.96 -15.21 25.16
CA GLU A 713 -22.57 -14.90 26.46
C GLU A 713 -21.76 -13.86 27.17
N THR A 714 -22.44 -12.83 27.62
CA THR A 714 -21.84 -11.57 28.02
C THR A 714 -20.95 -11.69 29.24
N HIS A 715 -21.38 -12.40 30.30
CA HIS A 715 -20.49 -12.48 31.46
C HIS A 715 -19.19 -13.24 31.18
N LEU A 716 -19.25 -14.37 30.47
CA LEU A 716 -18.02 -15.14 30.09
C LEU A 716 -17.17 -14.24 29.21
N ALA A 717 -17.82 -13.57 28.27
CA ALA A 717 -17.03 -12.68 27.37
C ALA A 717 -16.30 -11.65 28.16
N ASP A 718 -17.00 -10.96 29.08
CA ASP A 718 -16.37 -9.91 29.84
C ASP A 718 -15.15 -10.38 30.63
N VAL A 719 -15.33 -11.53 31.29
CA VAL A 719 -14.27 -12.16 32.08
C VAL A 719 -13.06 -12.48 31.22
N LEU A 720 -13.28 -13.07 30.03
CA LEU A 720 -12.18 -13.57 29.22
C LEU A 720 -11.46 -12.35 28.68
N VAL A 721 -12.21 -11.35 28.23
CA VAL A 721 -11.54 -10.23 27.59
C VAL A 721 -10.79 -9.36 28.56
N SER A 722 -11.40 -9.06 29.73
CA SER A 722 -10.70 -8.21 30.69
C SER A 722 -9.43 -8.97 31.25
N LYS A 723 -9.50 -10.29 31.42
CA LYS A 723 -8.34 -11.04 31.93
C LYS A 723 -7.19 -11.01 30.89
N GLN A 724 -7.56 -11.24 29.61
CA GLN A 724 -6.51 -11.14 28.57
C GLN A 724 -5.85 -9.78 28.53
N PHE A 725 -6.63 -8.74 28.59
CA PHE A 725 -6.15 -7.39 28.61
C PHE A 725 -5.13 -7.23 29.74
N HIS A 726 -5.56 -7.58 30.96
CA HIS A 726 -4.70 -7.31 32.13
C HIS A 726 -3.51 -8.22 32.20
N GLU A 727 -3.59 -9.42 31.76
CA GLU A 727 -2.56 -10.40 31.91
C GLU A 727 -1.63 -10.49 30.73
N ALA A 728 -2.01 -9.84 29.62
CA ALA A 728 -1.15 -9.89 28.44
C ALA A 728 0.28 -9.44 28.70
N ASN A 729 1.21 -10.14 28.05
CA ASN A 729 2.64 -9.78 28.17
C ASN A 729 3.17 -9.21 26.88
N ASN A 730 2.26 -8.78 25.99
CA ASN A 730 2.63 -8.19 24.68
C ASN A 730 1.42 -7.40 24.16
N MET A 731 1.67 -6.44 23.27
CA MET A 731 0.60 -5.62 22.73
C MET A 731 -0.33 -6.34 21.80
N THR A 732 0.09 -7.38 21.13
CA THR A 732 -0.79 -8.14 20.28
C THR A 732 -2.07 -8.61 21.11
N ASP A 733 -1.75 -9.28 22.21
CA ASP A 733 -2.78 -9.78 23.02
C ASP A 733 -3.57 -8.76 23.73
N ALA A 734 -2.97 -7.71 24.25
CA ALA A 734 -3.68 -6.65 24.91
C ALA A 734 -4.62 -5.91 23.95
N LEU A 735 -4.13 -5.62 22.72
CA LEU A 735 -4.97 -4.92 21.74
C LEU A 735 -6.10 -5.81 21.24
N ALA A 736 -5.86 -7.10 21.12
CA ALA A 736 -6.93 -8.00 20.60
C ALA A 736 -8.06 -7.95 21.59
N ALA A 737 -7.67 -8.05 22.89
CA ALA A 737 -8.74 -7.89 23.96
C ALA A 737 -9.44 -6.58 23.95
N LEU A 738 -8.70 -5.52 23.93
CA LEU A 738 -9.27 -4.20 23.87
C LEU A 738 -10.23 -4.01 22.73
N SER A 739 -9.75 -4.40 21.54
CA SER A 739 -10.58 -4.27 20.34
C SER A 739 -11.89 -5.07 20.45
N ALA A 740 -11.84 -6.24 21.06
CA ALA A 740 -13.04 -7.08 21.27
C ALA A 740 -13.95 -6.37 22.27
N ALA A 741 -13.43 -5.77 23.32
CA ALA A 741 -14.30 -5.09 24.24
C ALA A 741 -15.05 -3.96 23.59
N VAL A 742 -14.38 -3.19 22.72
CA VAL A 742 -15.06 -2.15 21.98
C VAL A 742 -16.07 -2.74 20.99
N ALA A 743 -15.69 -3.72 20.22
CA ALA A 743 -16.55 -4.20 19.13
C ALA A 743 -17.85 -4.84 19.72
N ALA A 744 -17.72 -5.56 20.84
CA ALA A 744 -18.87 -6.21 21.47
C ALA A 744 -19.51 -5.33 22.54
N GLN A 745 -19.04 -4.10 22.77
CA GLN A 745 -19.60 -3.15 23.75
C GLN A 745 -19.71 -3.86 25.12
N LEU A 746 -18.65 -4.49 25.55
CA LEU A 746 -18.66 -5.24 26.82
C LEU A 746 -18.56 -4.32 27.97
N PRO A 747 -19.09 -4.80 29.15
CA PRO A 747 -18.99 -3.95 30.28
C PRO A 747 -17.62 -3.35 30.63
N CYS A 748 -16.54 -4.13 30.49
CA CYS A 748 -15.25 -3.61 30.83
C CYS A 748 -14.69 -2.58 29.84
N ARG A 749 -15.35 -2.31 28.75
CA ARG A 749 -14.76 -1.43 27.71
C ARG A 749 -14.27 -0.10 28.22
N ASP A 750 -15.14 0.68 28.88
CA ASP A 750 -14.68 2.02 29.26
C ASP A 750 -13.50 2.05 30.24
N ALA A 751 -13.49 1.08 31.17
CA ALA A 751 -12.36 0.97 32.07
C ALA A 751 -11.02 0.65 31.34
N LEU A 752 -11.09 -0.28 30.40
CA LEU A 752 -9.92 -0.68 29.66
C LEU A 752 -9.43 0.44 28.74
N MET A 753 -10.37 1.08 28.07
CA MET A 753 -10.02 2.21 27.25
C MET A 753 -9.35 3.33 28.03
N GLN A 754 -9.81 3.60 29.25
CA GLN A 754 -9.20 4.65 30.04
C GLN A 754 -7.80 4.19 30.56
N GLU A 755 -7.63 2.93 30.87
CA GLU A 755 -6.35 2.42 31.33
C GLU A 755 -5.32 2.56 30.26
N TYR A 756 -5.77 2.28 29.04
CA TYR A 756 -4.84 2.44 27.90
C TYR A 756 -4.39 3.87 27.69
N ASP A 757 -5.30 4.81 27.65
CA ASP A 757 -5.04 6.19 27.53
C ASP A 757 -4.11 6.72 28.63
N ASP A 758 -4.43 6.37 29.88
CA ASP A 758 -3.56 6.78 31.00
C ASP A 758 -2.16 6.22 30.87
N LYS A 759 -1.95 5.00 30.35
CA LYS A 759 -0.63 4.42 30.24
C LYS A 759 0.16 4.99 29.03
N TRP A 760 -0.58 5.20 27.92
CA TRP A 760 0.13 5.39 26.64
C TRP A 760 -0.06 6.73 25.99
N HIS A 761 -0.75 7.70 26.61
CA HIS A 761 -1.08 8.96 25.92
C HIS A 761 0.08 9.73 25.40
N GLN A 762 1.27 9.52 25.99
CA GLN A 762 2.46 10.23 25.50
C GLN A 762 3.09 9.61 24.27
N ASN A 763 2.62 8.45 23.83
CA ASN A 763 3.20 7.71 22.77
C ASN A 763 2.21 7.70 21.56
N GLY A 764 2.40 8.64 20.62
CA GLY A 764 1.40 8.76 19.53
C GLY A 764 1.21 7.50 18.74
N LEU A 765 2.28 6.73 18.41
CA LEU A 765 2.08 5.54 17.64
C LEU A 765 1.21 4.52 18.31
N VAL A 766 1.37 4.43 19.65
CA VAL A 766 0.49 3.53 20.44
C VAL A 766 -0.95 4.05 20.53
N MET A 767 -1.06 5.38 20.68
CA MET A 767 -2.40 5.98 20.72
C MET A 767 -3.13 5.85 19.41
N ASP A 768 -2.42 5.74 18.32
CA ASP A 768 -3.09 5.52 17.02
C ASP A 768 -3.96 4.28 17.01
N LYS A 769 -3.57 3.22 17.71
CA LYS A 769 -4.38 2.00 17.80
C LYS A 769 -5.71 2.31 18.50
N TRP A 770 -5.58 3.10 19.55
CA TRP A 770 -6.76 3.51 20.37
C TRP A 770 -7.70 4.42 19.62
N PHE A 771 -7.12 5.35 18.88
CA PHE A 771 -7.95 6.24 18.01
C PHE A 771 -8.70 5.41 16.99
N ILE A 772 -8.03 4.43 16.39
CA ILE A 772 -8.74 3.52 15.45
C ILE A 772 -9.92 2.78 16.12
N LEU A 773 -9.70 2.28 17.32
CA LEU A 773 -10.79 1.66 18.08
C LEU A 773 -11.96 2.62 18.35
N GLN A 774 -11.68 3.83 18.74
CA GLN A 774 -12.66 4.85 18.95
C GLN A 774 -13.44 5.12 17.65
N ALA A 775 -12.70 5.29 16.54
CA ALA A 775 -13.35 5.69 15.27
C ALA A 775 -14.13 4.59 14.70
N THR A 776 -13.82 3.34 15.02
CA THR A 776 -14.48 2.19 14.45
C THR A 776 -15.53 1.56 15.39
N SER A 777 -15.81 2.24 16.49
CA SER A 777 -16.72 1.71 17.50
C SER A 777 -18.12 1.55 16.91
N PRO A 778 -18.84 0.57 17.36
CA PRO A 778 -20.23 0.37 16.92
C PRO A 778 -21.19 1.22 17.75
N ALA A 779 -20.68 1.93 18.72
CA ALA A 779 -21.51 2.64 19.69
C ALA A 779 -22.37 3.70 19.01
N ALA A 780 -23.54 3.98 19.56
CA ALA A 780 -24.45 4.87 18.84
C ALA A 780 -23.93 6.33 18.78
N ASN A 781 -23.19 6.73 19.78
CA ASN A 781 -22.71 8.12 19.80
C ASN A 781 -21.25 8.23 19.28
N VAL A 782 -20.83 7.26 18.44
CA VAL A 782 -19.42 7.33 17.91
C VAL A 782 -18.96 8.65 17.31
N LEU A 783 -19.78 9.30 16.48
CA LEU A 783 -19.34 10.57 15.90
C LEU A 783 -19.13 11.65 16.96
N GLU A 784 -20.02 11.74 17.98
CA GLU A 784 -19.80 12.68 19.07
C GLU A 784 -18.45 12.41 19.79
N THR A 785 -18.13 11.12 19.97
CA THR A 785 -16.90 10.75 20.62
C THR A 785 -15.70 11.14 19.76
N VAL A 786 -15.79 10.83 18.47
CA VAL A 786 -14.73 11.23 17.53
C VAL A 786 -14.50 12.74 17.50
N ARG A 787 -15.58 13.55 17.37
CA ARG A 787 -15.42 14.99 17.36
C ARG A 787 -14.76 15.47 18.63
N GLY A 788 -15.13 14.91 19.79
CA GLY A 788 -14.54 15.27 21.05
C GLY A 788 -13.07 14.94 21.12
N LEU A 789 -12.70 13.83 20.45
CA LEU A 789 -11.29 13.42 20.37
C LEU A 789 -10.39 14.29 19.51
N LEU A 790 -10.93 15.20 18.74
CA LEU A 790 -10.13 16.27 18.15
C LEU A 790 -9.44 17.15 19.12
N GLN A 791 -9.94 17.14 20.35
CA GLN A 791 -9.31 17.88 21.45
C GLN A 791 -8.53 17.00 22.37
N HIS A 792 -8.33 15.75 22.08
CA HIS A 792 -7.61 14.86 22.89
C HIS A 792 -6.14 15.21 23.03
N ARG A 793 -5.60 14.96 24.21
CA ARG A 793 -4.19 15.19 24.48
C ARG A 793 -3.20 14.54 23.52
N SER A 794 -3.58 13.43 22.87
CA SER A 794 -2.70 12.72 22.01
C SER A 794 -3.01 12.97 20.52
N PHE A 795 -3.99 13.85 20.24
CA PHE A 795 -4.41 14.11 18.88
C PHE A 795 -3.88 15.46 18.42
N THR A 796 -3.42 15.53 17.18
CA THR A 796 -3.20 16.80 16.56
C THR A 796 -3.40 16.75 15.06
N MET A 797 -4.04 17.80 14.53
CA MET A 797 -4.24 17.98 13.08
C MET A 797 -2.95 18.22 12.32
N SER A 798 -1.84 18.47 13.01
CA SER A 798 -0.56 18.67 12.38
C SER A 798 0.15 17.35 12.04
N ASN A 799 -0.39 16.19 12.46
CA ASN A 799 0.32 14.95 12.29
C ASN A 799 -0.48 13.98 11.45
N PRO A 800 0.01 13.61 10.26
CA PRO A 800 -0.71 12.70 9.38
C PRO A 800 -1.10 11.40 10.01
N ASN A 801 -0.24 10.78 10.88
CA ASN A 801 -0.65 9.54 11.42
C ASN A 801 -1.88 9.70 12.35
N ARG A 802 -1.89 10.78 13.14
CA ARG A 802 -3.08 10.99 14.05
C ARG A 802 -4.35 11.22 13.22
N ILE A 803 -4.23 12.00 12.16
CA ILE A 803 -5.35 12.21 11.25
C ILE A 803 -5.87 10.91 10.69
N ARG A 804 -4.94 10.08 10.16
CA ARG A 804 -5.33 8.80 9.59
C ARG A 804 -6.07 7.90 10.61
N SER A 805 -5.56 7.85 11.85
CA SER A 805 -6.04 6.99 12.84
C SER A 805 -7.37 7.39 13.46
N LEU A 806 -7.63 8.68 13.51
CA LEU A 806 -8.98 9.12 13.97
C LEU A 806 -9.95 9.39 12.86
N ILE A 807 -9.62 10.34 11.97
CA ILE A 807 -10.53 10.77 10.99
C ILE A 807 -10.62 9.78 9.84
N GLY A 808 -9.47 9.30 9.40
CA GLY A 808 -9.44 8.36 8.28
C GLY A 808 -10.16 7.06 8.62
N ALA A 809 -9.88 6.54 9.82
CA ALA A 809 -10.52 5.33 10.28
C ALA A 809 -12.06 5.49 10.40
N PHE A 810 -12.50 6.67 10.82
CA PHE A 810 -13.96 6.92 10.85
C PHE A 810 -14.57 6.83 9.48
N ALA A 811 -13.99 7.57 8.56
CA ALA A 811 -14.58 7.68 7.27
C ALA A 811 -14.48 6.49 6.42
N GLY A 812 -13.34 5.77 6.48
CA GLY A 812 -13.02 4.61 5.69
C GLY A 812 -13.31 3.25 6.30
N SER A 813 -13.27 3.16 7.63
CA SER A 813 -13.49 1.91 8.32
C SER A 813 -14.65 1.84 9.21
N ASN A 814 -15.52 2.86 9.24
CA ASN A 814 -16.78 2.78 9.96
C ASN A 814 -17.82 3.23 9.00
N PRO A 815 -17.89 2.56 7.84
CA PRO A 815 -18.83 3.16 6.85
C PRO A 815 -20.23 3.15 7.39
N ALA A 816 -20.56 2.36 8.34
CA ALA A 816 -21.86 2.55 8.97
C ALA A 816 -22.20 3.87 9.69
N ALA A 817 -21.26 4.36 10.49
CA ALA A 817 -21.34 5.65 11.07
C ALA A 817 -21.03 6.76 10.08
N PHE A 818 -20.10 6.58 9.18
CA PHE A 818 -19.87 7.60 8.21
C PHE A 818 -21.07 7.84 7.32
N HIS A 819 -21.83 6.80 7.05
CA HIS A 819 -23.03 6.83 6.22
C HIS A 819 -24.30 6.88 7.05
N ALA A 820 -24.21 7.44 8.24
CA ALA A 820 -25.43 7.67 9.07
C ALA A 820 -26.42 8.41 8.23
N GLU A 821 -27.66 7.93 8.34
CA GLU A 821 -28.72 8.50 7.51
C GLU A 821 -28.95 10.00 7.59
N ASP A 822 -28.65 10.56 8.73
CA ASP A 822 -28.75 12.01 8.96
C ASP A 822 -27.69 12.82 8.23
N GLY A 823 -26.73 12.19 7.55
CA GLY A 823 -25.71 12.93 6.79
C GLY A 823 -24.57 13.48 7.65
N SER A 824 -24.60 13.19 8.95
CA SER A 824 -23.68 13.78 9.92
C SER A 824 -22.23 13.39 9.63
N GLY A 825 -22.01 12.17 9.18
CA GLY A 825 -20.67 11.73 8.82
C GLY A 825 -20.08 12.51 7.68
N TYR A 826 -20.92 12.80 6.65
CA TYR A 826 -20.45 13.59 5.51
C TYR A 826 -20.05 14.98 5.95
N LEU A 827 -20.92 15.60 6.79
CA LEU A 827 -20.65 16.98 7.23
C LEU A 827 -19.37 17.08 8.04
N PHE A 828 -19.11 16.09 8.87
CA PHE A 828 -17.89 16.03 9.66
C PHE A 828 -16.68 16.02 8.70
N LEU A 829 -16.76 15.13 7.73
CA LEU A 829 -15.62 15.03 6.85
C LEU A 829 -15.40 16.31 6.08
N VAL A 830 -16.49 16.92 5.56
CA VAL A 830 -16.33 18.21 4.94
C VAL A 830 -15.56 19.22 5.87
N GLU A 831 -15.89 19.35 7.14
CA GLU A 831 -15.20 20.28 8.01
C GLU A 831 -13.69 19.93 8.14
N MET A 832 -13.40 18.62 8.24
CA MET A 832 -12.00 18.21 8.35
C MET A 832 -11.26 18.52 7.04
N LEU A 833 -11.88 18.25 5.89
CA LEU A 833 -11.28 18.50 4.59
C LEU A 833 -11.14 19.98 4.27
N THR A 834 -12.01 20.82 4.83
CA THR A 834 -11.86 22.24 4.68
C THR A 834 -10.54 22.70 5.32
N ASP A 835 -10.22 22.14 6.47
CA ASP A 835 -8.89 22.39 7.11
C ASP A 835 -7.80 21.85 6.26
N LEU A 836 -7.93 20.56 6.02
CA LEU A 836 -6.81 19.85 5.39
C LEU A 836 -6.52 20.26 3.98
N ASN A 837 -7.51 20.74 3.18
CA ASN A 837 -7.19 21.27 1.91
C ASN A 837 -6.12 22.34 1.91
N SER A 838 -6.16 23.20 2.94
CA SER A 838 -5.18 24.27 3.08
C SER A 838 -3.92 23.77 3.79
N ARG A 839 -4.08 22.89 4.76
CA ARG A 839 -2.94 22.50 5.58
C ARG A 839 -2.02 21.47 4.87
N ASN A 840 -2.66 20.43 4.37
CA ASN A 840 -1.94 19.27 3.84
C ASN A 840 -2.81 18.58 2.83
N PRO A 841 -2.78 19.07 1.59
CA PRO A 841 -3.63 18.51 0.55
C PRO A 841 -3.41 17.09 0.19
N GLN A 842 -2.21 16.58 0.36
CA GLN A 842 -1.99 15.17 0.12
C GLN A 842 -2.81 14.31 1.06
N VAL A 843 -2.79 14.67 2.37
CA VAL A 843 -3.60 13.93 3.31
C VAL A 843 -5.08 14.14 3.07
N ALA A 844 -5.47 15.36 2.74
CA ALA A 844 -6.84 15.63 2.38
C ALA A 844 -7.33 14.71 1.26
N SER A 845 -6.50 14.56 0.23
CA SER A 845 -6.88 13.76 -0.94
C SER A 845 -7.04 12.28 -0.62
N ARG A 846 -6.23 11.79 0.28
CA ARG A 846 -6.50 10.40 0.75
C ARG A 846 -7.79 10.29 1.53
N LEU A 847 -8.08 11.29 2.35
CA LEU A 847 -9.26 11.29 3.21
C LEU A 847 -10.56 11.50 2.44
N ILE A 848 -10.54 12.13 1.28
CA ILE A 848 -11.80 12.34 0.51
C ILE A 848 -12.32 11.07 -0.14
N GLU A 849 -11.52 10.05 -0.22
CA GLU A 849 -11.90 8.88 -0.97
C GLU A 849 -13.29 8.34 -0.66
N PRO A 850 -13.67 8.22 0.64
CA PRO A 850 -15.00 7.62 0.85
C PRO A 850 -16.16 8.49 0.31
N LEU A 851 -15.99 9.78 0.11
CA LEU A 851 -17.07 10.57 -0.53
C LEU A 851 -17.13 10.42 -2.00
N ILE A 852 -16.00 10.10 -2.63
CA ILE A 852 -16.07 9.93 -4.06
C ILE A 852 -16.72 8.61 -4.56
N ARG A 853 -17.05 7.70 -3.64
CA ARG A 853 -17.73 6.48 -3.93
C ARG A 853 -19.27 6.63 -3.87
N LEU A 854 -19.80 7.82 -4.00
CA LEU A 854 -21.26 8.07 -3.87
C LEU A 854 -22.12 7.31 -4.77
N LYS A 855 -21.68 6.98 -5.94
CA LYS A 855 -22.57 6.28 -6.89
C LYS A 855 -22.83 4.85 -6.52
N ARG A 856 -22.10 4.33 -5.53
CA ARG A 856 -22.38 3.00 -5.00
C ARG A 856 -23.49 3.00 -3.96
N TYR A 857 -24.04 4.14 -3.58
CA TYR A 857 -25.00 4.23 -2.44
C TYR A 857 -26.38 4.59 -2.96
N ASP A 858 -27.31 4.44 -2.04
CA ASP A 858 -28.73 4.72 -2.39
C ASP A 858 -28.89 6.20 -2.76
N ALA A 859 -30.03 6.50 -3.42
CA ALA A 859 -30.24 7.86 -3.87
C ALA A 859 -30.19 8.95 -2.81
N LYS A 860 -30.74 8.77 -1.64
CA LYS A 860 -30.74 9.73 -0.60
C LYS A 860 -29.33 10.03 -0.06
N ARG A 861 -28.58 8.94 0.11
CA ARG A 861 -27.16 9.09 0.50
C ARG A 861 -26.36 9.74 -0.57
N GLN A 862 -26.62 9.38 -1.80
CA GLN A 862 -25.95 9.94 -2.91
C GLN A 862 -26.19 11.44 -3.01
N GLU A 863 -27.44 11.93 -2.75
CA GLU A 863 -27.70 13.34 -2.79
C GLU A 863 -26.94 14.15 -1.71
N LYS A 864 -26.82 13.57 -0.51
CA LYS A 864 -26.10 14.22 0.57
C LYS A 864 -24.62 14.25 0.29
N MET A 865 -24.14 13.14 -0.24
CA MET A 865 -22.67 13.07 -0.54
C MET A 865 -22.31 14.03 -1.70
N ARG A 866 -23.22 14.20 -2.69
CA ARG A 866 -23.06 15.15 -3.77
C ARG A 866 -23.01 16.53 -3.21
N ALA A 867 -23.92 16.87 -2.29
CA ALA A 867 -23.91 18.22 -1.73
C ALA A 867 -22.63 18.53 -0.92
N ALA A 868 -22.12 17.49 -0.26
CA ALA A 868 -20.82 17.63 0.46
C ALA A 868 -19.68 17.92 -0.55
N LEU A 869 -19.67 17.15 -1.66
CA LEU A 869 -18.65 17.37 -2.71
C LEU A 869 -18.76 18.78 -3.33
N GLU A 870 -20.00 19.22 -3.56
CA GLU A 870 -20.26 20.58 -4.08
C GLU A 870 -19.78 21.71 -3.12
N GLN A 871 -19.90 21.50 -1.85
CA GLN A 871 -19.37 22.44 -0.83
C GLN A 871 -17.85 22.49 -0.93
N LEU A 872 -17.21 21.31 -1.00
CA LEU A 872 -15.77 21.33 -1.22
C LEU A 872 -15.33 21.89 -2.54
N LYS A 873 -16.05 21.67 -3.64
CA LYS A 873 -15.69 22.21 -4.94
C LYS A 873 -15.62 23.74 -4.86
N GLY A 874 -16.42 24.32 -4.01
CA GLY A 874 -16.48 25.75 -3.84
C GLY A 874 -15.51 26.38 -2.89
N LEU A 875 -14.59 25.61 -2.28
CA LEU A 875 -13.62 26.18 -1.38
C LEU A 875 -12.73 27.18 -2.07
N GLU A 876 -12.40 28.22 -1.31
CA GLU A 876 -11.41 29.17 -1.76
C GLU A 876 -10.08 28.34 -1.72
N ASN A 877 -9.25 28.57 -2.72
CA ASN A 877 -7.91 27.98 -2.83
C ASN A 877 -8.07 26.47 -2.78
N LEU A 878 -9.02 25.95 -3.52
CA LEU A 878 -9.10 24.47 -3.61
C LEU A 878 -7.84 23.94 -4.22
N SER A 879 -7.27 22.91 -3.56
CA SER A 879 -6.09 22.26 -4.07
C SER A 879 -6.36 21.48 -5.34
N GLY A 880 -5.34 21.33 -6.23
CA GLY A 880 -5.38 20.43 -7.37
C GLY A 880 -5.70 19.05 -6.96
N ASP A 881 -5.12 18.66 -5.80
CA ASP A 881 -5.26 17.30 -5.30
C ASP A 881 -6.75 16.95 -5.15
N LEU A 882 -7.50 17.85 -4.50
CA LEU A 882 -8.93 17.59 -4.30
C LEU A 882 -9.74 17.89 -5.55
N TYR A 883 -9.38 18.97 -6.24
CA TYR A 883 -10.08 19.30 -7.50
C TYR A 883 -10.19 18.10 -8.44
N GLU A 884 -9.07 17.35 -8.62
CA GLU A 884 -9.13 16.23 -9.51
C GLU A 884 -10.19 15.19 -9.15
N LYS A 885 -10.22 14.84 -7.87
CA LYS A 885 -11.12 13.84 -7.34
C LYS A 885 -12.56 14.29 -7.34
N ILE A 886 -12.74 15.54 -6.93
CA ILE A 886 -14.18 16.13 -6.83
C ILE A 886 -14.76 16.21 -8.24
N THR A 887 -13.95 16.68 -9.19
CA THR A 887 -14.53 16.85 -10.56
C THR A 887 -14.91 15.50 -11.17
N LYS A 888 -14.09 14.47 -10.93
CA LYS A 888 -14.44 13.18 -11.43
C LYS A 888 -15.71 12.58 -10.73
N ALA A 889 -15.82 12.78 -9.43
CA ALA A 889 -16.94 12.35 -8.68
C ALA A 889 -18.30 13.00 -9.01
N LEU A 890 -18.20 14.25 -9.42
CA LEU A 890 -19.41 15.02 -9.74
C LEU A 890 -19.77 14.89 -11.18
N ALA A 891 -18.97 14.23 -11.99
CA ALA A 891 -19.31 14.03 -13.44
C ALA A 891 -20.49 13.04 -13.59
#